data_7ZY4
#
_entry.id   7ZY4
#
_cell.length_a   157.612
_cell.length_b   157.612
_cell.length_c   161.005
_cell.angle_alpha   90.000
_cell.angle_beta   90.000
_cell.angle_gamma   120.000
#
_symmetry.space_group_name_H-M   'P 61 2 2'
#
loop_
_entity.id
_entity.type
_entity.pdbx_description
1 polymer 'Cleavage stimulation factor subunit 3'
2 polymer hFip1
3 non-polymer GLYCEROL
4 water water
#
loop_
_entity_poly.entity_id
_entity_poly.type
_entity_poly.pdbx_seq_one_letter_code
_entity_poly.pdbx_strand_id
1 'polypeptide(L)'
;SNANTPQEAQQVDMWKKYIQWEKSNPLRTEDQTLITKRVMFAYEQCLLVLGHHPDIWYEAAQYLEQSSKLLAEKGDMNNA
KLFSDEAANIYERAISTLLKKNMLLYFAYADYEESRMKYEKVHSIYNRLLAIEDIDPTLVYIQYMKFARRAEGIKSGRMI
FKKAREDTRTRHHVYVTAALMEYYCSKDKSVAFKIFELGLKKYGDIPEYVLAYIDYLSHLNEDNNTRVLFERVLTSGSLP
PEKSGEIWARFLAFESNIGDLASILKVEKRRFTAFKEEYEGKETALLVDRYKFMDLYPCSASELKALGYKDV
;
A,B
2 'polypeptide(L)' SNAMSAGEVERLVSELSGGTGGDEEEEWLYGDENEVER C,D
#
loop_
_chem_comp.id
_chem_comp.type
_chem_comp.name
_chem_comp.formula
GOL non-polymer GLYCEROL 'C3 H8 O3'
#
# COMPACT_ATOMS: atom_id res chain seq x y z
N GLN A 7 5.09 36.58 12.48
CA GLN A 7 5.56 35.59 13.45
C GLN A 7 6.90 34.92 13.07
N GLU A 8 7.16 33.73 13.62
CA GLU A 8 8.43 33.05 13.34
C GLU A 8 8.52 32.58 11.88
N ALA A 9 7.41 32.17 11.29
CA ALA A 9 7.45 31.73 9.88
C ALA A 9 7.80 32.90 8.96
N GLN A 10 7.32 34.10 9.29
CA GLN A 10 7.69 35.27 8.49
C GLN A 10 9.18 35.57 8.58
N GLN A 11 9.74 35.45 9.78
CA GLN A 11 11.18 35.69 9.97
C GLN A 11 12.00 34.67 9.21
N VAL A 12 11.59 33.40 9.25
CA VAL A 12 12.29 32.37 8.49
C VAL A 12 12.25 32.69 7.00
N ASP A 13 11.10 33.11 6.49
CA ASP A 13 11.01 33.37 5.06
C ASP A 13 11.88 34.57 4.66
N MET A 14 11.88 35.62 5.50
CA MET A 14 12.72 36.78 5.25
C MET A 14 14.19 36.41 5.17
N TRP A 15 14.62 35.60 6.13
CA TRP A 15 16.00 35.19 6.18
C TRP A 15 16.34 34.32 4.98
N LYS A 16 15.46 33.41 4.61
CA LYS A 16 15.82 32.56 3.48
C LYS A 16 15.91 33.37 2.19
N LYS A 17 15.03 34.37 2.04
CA LYS A 17 15.09 35.25 0.87
C LYS A 17 16.36 36.11 0.87
N TYR A 18 16.77 36.60 2.03
CA TYR A 18 18.05 37.30 2.05
C TYR A 18 19.18 36.36 1.60
N ILE A 19 19.15 35.11 2.09
CA ILE A 19 20.23 34.17 1.77
C ILE A 19 20.23 33.82 0.29
N GLN A 20 19.03 33.64 -0.28
CA GLN A 20 18.91 33.37 -1.70
C GLN A 20 19.45 34.53 -2.53
N TRP A 21 19.10 35.77 -2.16
CA TRP A 21 19.65 36.93 -2.84
C TRP A 21 21.18 36.88 -2.84
N GLU A 22 21.79 36.64 -1.68
CA GLU A 22 23.26 36.61 -1.65
C GLU A 22 23.78 35.52 -2.58
N LYS A 23 23.10 34.37 -2.61
CA LYS A 23 23.53 33.27 -3.47
C LYS A 23 23.41 33.64 -4.94
N SER A 24 22.57 34.59 -5.29
CA SER A 24 22.47 35.00 -6.68
C SER A 24 23.65 35.85 -7.16
N ASN A 25 24.67 36.08 -6.34
CA ASN A 25 25.84 36.86 -6.74
C ASN A 25 25.35 38.18 -7.35
N PRO A 26 24.72 39.05 -6.56
CA PRO A 26 24.30 40.35 -7.11
C PRO A 26 25.45 41.21 -7.62
N LEU A 27 26.64 41.07 -7.06
CA LEU A 27 27.81 41.85 -7.46
C LEU A 27 28.52 41.27 -8.67
N ARG A 28 28.12 40.08 -9.14
CA ARG A 28 28.79 39.42 -10.27
C ARG A 28 30.28 39.18 -10.01
N THR A 29 30.61 38.76 -8.80
CA THR A 29 31.99 38.40 -8.56
C THR A 29 32.30 37.08 -9.25
N GLU A 30 33.53 36.94 -9.63
CA GLU A 30 33.93 35.74 -10.34
C GLU A 30 34.62 34.76 -9.40
N ASP A 31 35.01 35.26 -8.23
CA ASP A 31 35.59 34.48 -7.14
C ASP A 31 34.48 33.72 -6.40
N GLN A 32 34.38 32.40 -6.63
CA GLN A 32 33.40 31.59 -5.89
C GLN A 32 33.69 31.59 -4.39
N THR A 33 34.96 31.67 -3.99
CA THR A 33 35.23 31.71 -2.55
C THR A 33 34.60 32.95 -1.91
N LEU A 34 34.56 34.07 -2.63
CA LEU A 34 33.97 35.28 -2.05
C LEU A 34 32.45 35.17 -1.98
N ILE A 35 31.83 34.67 -3.05
CA ILE A 35 30.39 34.44 -3.00
C ILE A 35 30.06 33.50 -1.85
N THR A 36 30.86 32.46 -1.67
CA THR A 36 30.59 31.53 -0.60
C THR A 36 30.77 32.17 0.77
N LYS A 37 31.80 32.99 0.95
CA LYS A 37 31.98 33.68 2.22
C LYS A 37 30.77 34.57 2.54
N ARG A 38 30.27 35.29 1.55
CA ARG A 38 29.12 36.16 1.78
C ARG A 38 27.87 35.34 2.10
N VAL A 39 27.66 34.26 1.36
CA VAL A 39 26.47 33.44 1.60
C VAL A 39 26.51 32.85 2.99
N MET A 40 27.67 32.28 3.37
CA MET A 40 27.83 31.65 4.69
C MET A 40 27.70 32.69 5.78
N PHE A 41 28.14 33.92 5.53
CA PHE A 41 27.94 34.97 6.54
C PHE A 41 26.46 35.17 6.80
N ALA A 42 25.68 35.29 5.72
CA ALA A 42 24.23 35.44 5.92
C ALA A 42 23.66 34.25 6.68
N TYR A 43 24.11 33.03 6.35
CA TYR A 43 23.66 31.85 7.06
C TYR A 43 23.98 31.93 8.56
N GLU A 44 25.19 32.39 8.89
CA GLU A 44 25.58 32.52 10.29
C GLU A 44 24.68 33.49 11.04
N GLN A 45 24.45 34.67 10.45
CA GLN A 45 23.57 35.61 11.12
C GLN A 45 22.22 34.97 11.35
N CYS A 46 21.72 34.28 10.35
CA CYS A 46 20.41 33.66 10.52
C CYS A 46 20.42 32.64 11.65
N LEU A 47 21.41 31.72 11.64
CA LEU A 47 21.45 30.62 12.61
C LEU A 47 21.63 31.11 14.02
N LEU A 48 22.25 32.28 14.19
CA LEU A 48 22.33 32.89 15.52
C LEU A 48 20.98 32.93 16.22
N VAL A 49 19.90 33.20 15.48
CA VAL A 49 18.57 33.35 16.08
C VAL A 49 17.57 32.29 15.65
N LEU A 50 17.82 31.52 14.58
CA LEU A 50 16.90 30.46 14.14
C LEU A 50 17.61 29.11 14.12
N GLY A 51 18.60 28.96 14.99
CA GLY A 51 19.35 27.73 15.14
C GLY A 51 18.55 26.53 15.56
N HIS A 52 17.32 26.72 16.01
CA HIS A 52 16.44 25.59 16.32
C HIS A 52 15.71 25.05 15.08
N HIS A 53 15.98 25.58 13.87
CA HIS A 53 15.34 25.06 12.67
C HIS A 53 16.31 24.13 11.94
N PRO A 54 16.04 22.83 11.87
CA PRO A 54 17.04 21.93 11.26
C PRO A 54 17.27 22.15 9.78
N ASP A 55 16.27 22.67 9.07
CA ASP A 55 16.39 22.89 7.64
C ASP A 55 17.48 23.91 7.32
N ILE A 56 17.66 24.90 8.18
CA ILE A 56 18.65 25.92 7.91
C ILE A 56 20.06 25.36 8.05
N TRP A 57 20.30 24.59 9.10
CA TRP A 57 21.58 23.93 9.18
C TRP A 57 21.83 23.11 7.93
N TYR A 58 20.83 22.30 7.54
CA TYR A 58 21.01 21.40 6.42
C TYR A 58 21.24 22.14 5.12
N GLU A 59 20.43 23.16 4.87
CA GLU A 59 20.64 23.87 3.63
C GLU A 59 22.00 24.55 3.64
N ALA A 60 22.47 25.08 4.79
CA ALA A 60 23.78 25.74 4.84
C ALA A 60 24.90 24.75 4.57
N ALA A 61 24.82 23.56 5.19
CA ALA A 61 25.83 22.53 4.93
C ALA A 61 25.81 22.11 3.47
N GLN A 62 24.60 21.97 2.90
CA GLN A 62 24.48 21.58 1.49
C GLN A 62 25.09 22.63 0.58
N TYR A 63 24.86 23.90 0.89
CA TYR A 63 25.44 24.96 0.08
C TYR A 63 26.95 24.90 0.12
N LEU A 64 27.53 24.75 1.32
CA LEU A 64 28.98 24.63 1.44
C LEU A 64 29.50 23.42 0.65
N GLU A 65 28.80 22.31 0.71
CA GLU A 65 29.28 21.18 -0.08
C GLU A 65 29.24 21.49 -1.57
N GLN A 66 28.13 22.07 -2.04
CA GLN A 66 28.00 22.43 -3.46
C GLN A 66 29.14 23.33 -3.89
N SER A 67 29.47 24.33 -3.05
CA SER A 67 30.58 25.23 -3.35
C SER A 67 31.88 24.48 -3.43
N SER A 68 32.08 23.55 -2.50
CA SER A 68 33.28 22.73 -2.50
C SER A 68 33.43 21.95 -3.81
N LYS A 69 32.32 21.40 -4.30
CA LYS A 69 32.34 20.67 -5.56
C LYS A 69 32.68 21.59 -6.72
N LEU A 70 32.05 22.77 -6.76
CA LEU A 70 32.33 23.72 -7.83
C LEU A 70 33.80 24.14 -7.82
N LEU A 71 34.38 24.30 -6.64
CA LEU A 71 35.79 24.67 -6.59
C LEU A 71 36.69 23.52 -7.02
N ALA A 72 36.29 22.27 -6.70
CA ALA A 72 37.01 21.08 -7.15
C ALA A 72 36.97 20.94 -8.67
N GLU A 73 35.82 21.24 -9.29
CA GLU A 73 35.75 21.13 -10.75
C GLU A 73 36.70 22.10 -11.43
N LYS A 74 36.82 23.31 -10.90
CA LYS A 74 37.76 24.29 -11.41
C LYS A 74 39.19 24.00 -10.97
N GLY A 75 39.45 22.93 -10.25
CA GLY A 75 40.83 22.58 -9.96
C GLY A 75 41.42 23.18 -8.71
N ASP A 76 40.72 24.09 -8.03
CA ASP A 76 41.16 24.67 -6.75
C ASP A 76 40.90 23.65 -5.65
N MET A 77 41.86 22.74 -5.45
CA MET A 77 41.66 21.64 -4.51
C MET A 77 41.73 22.10 -3.08
N ASN A 78 42.52 23.14 -2.80
CA ASN A 78 42.70 23.63 -1.44
C ASN A 78 41.44 24.25 -0.88
N ASN A 79 40.81 25.16 -1.61
CA ASN A 79 39.56 25.71 -1.13
C ASN A 79 38.46 24.64 -1.12
N ALA A 80 38.52 23.67 -2.05
CA ALA A 80 37.56 22.57 -2.04
C ALA A 80 37.65 21.78 -0.74
N LYS A 81 38.87 21.39 -0.34
CA LYS A 81 39.03 20.64 0.89
C LYS A 81 38.59 21.48 2.09
N LEU A 82 38.94 22.77 2.09
CA LEU A 82 38.52 23.67 3.16
C LEU A 82 37.00 23.67 3.32
N PHE A 83 36.25 23.95 2.24
CA PHE A 83 34.78 24.02 2.33
C PHE A 83 34.15 22.65 2.62
N SER A 84 34.77 21.57 2.15
CA SER A 84 34.28 20.24 2.54
C SER A 84 34.34 20.06 4.06
N ASP A 85 35.50 20.36 4.69
CA ASP A 85 35.62 20.19 6.15
C ASP A 85 34.69 21.15 6.88
N GLU A 86 34.51 22.36 6.36
CA GLU A 86 33.64 23.30 7.03
C GLU A 86 32.17 22.87 6.98
N ALA A 87 31.74 22.23 5.89
CA ALA A 87 30.40 21.65 5.87
C ALA A 87 30.27 20.57 6.94
N ALA A 88 31.24 19.66 7.04
CA ALA A 88 31.19 18.73 8.16
C ALA A 88 31.00 19.48 9.48
N ASN A 89 31.77 20.54 9.70
CA ASN A 89 31.64 21.23 10.97
C ASN A 89 30.26 21.86 11.15
N ILE A 90 29.62 22.26 10.05
CA ILE A 90 28.26 22.75 10.17
C ILE A 90 27.37 21.67 10.76
N TYR A 91 27.48 20.46 10.23
CA TYR A 91 26.68 19.39 10.83
C TYR A 91 27.03 19.22 12.31
N GLU A 92 28.33 19.20 12.62
CA GLU A 92 28.73 19.00 14.00
C GLU A 92 28.15 20.07 14.94
N ARG A 93 28.23 21.35 14.55
CA ARG A 93 27.65 22.40 15.39
C ARG A 93 26.14 22.22 15.52
N ALA A 94 25.48 21.83 14.42
CA ALA A 94 24.04 21.71 14.46
C ALA A 94 23.58 20.70 15.51
N ILE A 95 24.25 19.54 15.59
CA ILE A 95 23.83 18.52 16.55
C ILE A 95 24.46 18.74 17.91
N SER A 96 25.35 19.73 18.05
CA SER A 96 26.02 19.92 19.32
C SER A 96 25.29 20.88 20.24
N THR A 97 24.42 21.70 19.69
CA THR A 97 23.69 22.69 20.46
C THR A 97 22.29 22.83 19.89
N LEU A 98 21.32 23.00 20.78
CA LEU A 98 19.96 23.26 20.33
C LEU A 98 19.29 22.00 19.81
N LEU A 99 19.90 21.35 18.80
CA LEU A 99 19.25 20.17 18.24
C LEU A 99 20.05 18.91 18.56
N LYS A 100 20.39 18.71 19.84
CA LYS A 100 21.28 17.59 20.15
C LYS A 100 20.60 16.25 19.94
N LYS A 101 19.30 16.25 19.74
CA LYS A 101 18.57 15.00 19.60
C LYS A 101 17.85 14.87 18.26
N ASN A 102 18.24 15.64 17.25
CA ASN A 102 17.50 15.66 15.99
C ASN A 102 18.01 14.54 15.09
N MET A 103 17.24 13.48 15.02
CA MET A 103 17.61 12.32 14.23
C MET A 103 17.91 12.71 12.79
N LEU A 104 17.15 13.65 12.21
CA LEU A 104 17.32 13.95 10.79
C LEU A 104 18.71 14.49 10.50
N LEU A 105 19.23 15.37 11.37
CA LEU A 105 20.55 15.96 11.18
C LEU A 105 21.67 14.95 11.50
N TYR A 106 21.46 14.09 12.49
CA TYR A 106 22.43 13.04 12.70
C TYR A 106 22.55 12.21 11.44
N PHE A 107 21.40 11.82 10.85
CA PHE A 107 21.43 11.00 9.64
C PHE A 107 22.06 11.74 8.48
N ALA A 108 21.70 13.01 8.31
CA ALA A 108 22.28 13.79 7.22
C ALA A 108 23.78 13.84 7.35
N TYR A 109 24.28 14.11 8.58
CA TYR A 109 25.71 14.11 8.92
C TYR A 109 26.36 12.78 8.56
N ALA A 110 25.75 11.70 9.01
CA ALA A 110 26.27 10.38 8.69
C ALA A 110 26.43 10.21 7.20
N ASP A 111 25.41 10.59 6.42
CA ASP A 111 25.42 10.41 4.96
C ASP A 111 26.48 11.30 4.34
N TYR A 112 26.66 12.50 4.87
CA TYR A 112 27.73 13.34 4.37
C TYR A 112 29.09 12.67 4.61
N GLU A 113 29.36 12.20 5.83
CA GLU A 113 30.67 11.59 6.08
C GLU A 113 30.79 10.27 5.33
N GLU A 114 29.70 9.54 5.14
CA GLU A 114 29.75 8.36 4.27
C GLU A 114 30.15 8.75 2.84
N SER A 115 29.60 9.85 2.31
CA SER A 115 29.95 10.27 0.96
C SER A 115 31.40 10.73 0.85
N ARG A 116 32.04 11.06 1.96
CA ARG A 116 33.46 11.39 1.95
C ARG A 116 34.33 10.17 2.24
N MET A 117 33.73 8.99 2.41
CA MET A 117 34.47 7.76 2.67
C MET A 117 35.17 7.75 4.04
N LYS A 118 34.62 8.46 5.03
CA LYS A 118 35.17 8.49 6.39
C LYS A 118 34.24 7.66 7.28
N TYR A 119 34.39 6.34 7.19
CA TYR A 119 33.42 5.42 7.78
C TYR A 119 33.57 5.38 9.29
N GLU A 120 34.77 5.65 9.80
CA GLU A 120 34.94 5.63 11.24
C GLU A 120 34.08 6.72 11.88
N LYS A 121 34.12 7.90 11.28
CA LYS A 121 33.29 9.01 11.71
C LYS A 121 31.81 8.65 11.57
N VAL A 122 31.43 7.91 10.54
CA VAL A 122 30.04 7.47 10.46
C VAL A 122 29.69 6.59 11.67
N HIS A 123 30.56 5.61 11.99
CA HIS A 123 30.26 4.74 13.13
C HIS A 123 30.10 5.55 14.42
N SER A 124 30.98 6.55 14.62
CA SER A 124 30.90 7.41 15.80
C SER A 124 29.59 8.17 15.83
N ILE A 125 29.14 8.70 14.69
CA ILE A 125 27.92 9.51 14.68
C ILE A 125 26.70 8.66 15.07
N TYR A 126 26.53 7.49 14.43
CA TYR A 126 25.38 6.63 14.75
C TYR A 126 25.39 6.20 16.21
N ASN A 127 26.59 5.84 16.73
CA ASN A 127 26.72 5.45 18.12
C ASN A 127 26.54 6.61 19.10
N ARG A 128 26.90 7.84 18.71
CA ARG A 128 26.63 8.98 19.56
C ARG A 128 25.16 9.12 19.75
N LEU A 129 24.42 9.04 18.63
CA LEU A 129 22.96 9.14 18.68
C LEU A 129 22.37 8.01 19.50
N LEU A 130 22.89 6.80 19.32
CA LEU A 130 22.38 5.65 20.03
C LEU A 130 22.58 5.76 21.52
N ALA A 131 23.61 6.50 21.95
CA ALA A 131 23.95 6.66 23.36
C ALA A 131 23.04 7.59 24.14
N ILE A 132 22.22 8.38 23.44
CA ILE A 132 21.21 9.20 24.07
C ILE A 132 20.09 8.27 24.54
N GLU A 133 19.87 8.21 25.84
CA GLU A 133 19.02 7.15 26.37
C GLU A 133 17.58 7.34 25.93
N ASP A 134 17.04 8.56 26.08
CA ASP A 134 15.63 8.84 25.81
C ASP A 134 15.41 9.21 24.35
N ILE A 135 15.61 8.20 23.53
CA ILE A 135 15.46 8.30 22.09
C ILE A 135 14.92 6.95 21.65
N ASP A 136 14.01 6.93 20.71
CA ASP A 136 13.64 5.63 20.15
C ASP A 136 14.68 5.25 19.08
N PRO A 137 15.53 4.25 19.32
CA PRO A 137 16.62 3.96 18.40
C PRO A 137 16.24 3.13 17.19
N THR A 138 14.97 2.76 17.05
CA THR A 138 14.59 1.82 16.01
C THR A 138 15.01 2.34 14.64
N LEU A 139 14.55 3.54 14.30
CA LEU A 139 14.91 4.07 13.00
C LEU A 139 16.41 4.27 12.91
N VAL A 140 17.04 4.63 14.03
CA VAL A 140 18.49 4.80 14.04
C VAL A 140 19.17 3.51 13.60
N TYR A 141 18.76 2.35 14.19
CA TYR A 141 19.31 1.04 13.81
C TYR A 141 19.00 0.72 12.36
N ILE A 142 17.83 1.12 11.87
CA ILE A 142 17.50 0.85 10.47
C ILE A 142 18.45 1.58 9.53
N GLN A 143 18.64 2.86 9.76
CA GLN A 143 19.57 3.63 8.94
C GLN A 143 21.01 3.11 9.09
N TYR A 144 21.40 2.73 10.32
CA TYR A 144 22.76 2.24 10.56
C TYR A 144 22.98 0.92 9.82
N MET A 145 21.99 0.04 9.86
CA MET A 145 22.09 -1.19 9.09
C MET A 145 22.19 -0.89 7.60
N LYS A 146 21.41 0.08 7.10
CA LYS A 146 21.49 0.41 5.68
C LYS A 146 22.90 0.85 5.29
N PHE A 147 23.48 1.73 6.09
CA PHE A 147 24.85 2.16 5.84
C PHE A 147 25.82 0.97 5.89
N ALA A 148 25.73 0.18 6.96
CA ALA A 148 26.66 -0.95 7.13
C ALA A 148 26.59 -1.87 5.93
N ARG A 149 25.37 -2.18 5.48
CA ARG A 149 25.18 -3.16 4.42
C ARG A 149 25.76 -2.65 3.12
N ARG A 150 25.41 -1.41 2.76
CA ARG A 150 25.78 -0.90 1.44
C ARG A 150 27.23 -0.46 1.38
N ALA A 151 27.87 -0.13 2.51
CA ALA A 151 29.24 0.36 2.49
C ALA A 151 30.28 -0.64 2.97
N GLU A 152 29.90 -1.63 3.81
CA GLU A 152 30.84 -2.59 4.38
C GLU A 152 30.47 -4.06 4.17
N GLY A 153 29.23 -4.36 3.79
CA GLY A 153 28.84 -5.68 3.34
C GLY A 153 27.83 -6.38 4.26
N ILE A 154 27.44 -7.56 3.82
CA ILE A 154 26.37 -8.27 4.51
C ILE A 154 26.76 -8.51 5.97
N LYS A 155 28.01 -8.83 6.19
CA LYS A 155 28.38 -9.26 7.53
C LYS A 155 28.33 -8.09 8.52
N SER A 156 28.79 -6.91 8.11
CA SER A 156 28.65 -5.69 8.93
C SER A 156 27.17 -5.35 9.18
N GLY A 157 26.33 -5.53 8.16
CA GLY A 157 24.91 -5.32 8.36
C GLY A 157 24.33 -6.25 9.40
N ARG A 158 24.71 -7.53 9.35
CA ARG A 158 24.21 -8.51 10.32
C ARG A 158 24.67 -8.17 11.72
N MET A 159 25.86 -7.58 11.83
CA MET A 159 26.30 -7.17 13.16
C MET A 159 25.44 -6.04 13.70
N ILE A 160 25.16 -5.02 12.87
CA ILE A 160 24.33 -3.92 13.32
C ILE A 160 22.96 -4.43 13.74
N PHE A 161 22.40 -5.38 12.95
CA PHE A 161 21.12 -6.00 13.30
C PHE A 161 21.21 -6.70 14.66
N LYS A 162 22.33 -7.40 14.92
CA LYS A 162 22.54 -8.04 16.22
C LYS A 162 22.47 -7.02 17.35
N LYS A 163 23.23 -5.95 17.21
CA LYS A 163 23.23 -4.85 18.16
C LYS A 163 21.81 -4.31 18.39
N ALA A 164 21.01 -4.20 17.33
CA ALA A 164 19.64 -3.71 17.46
C ALA A 164 18.77 -4.66 18.30
N ARG A 165 18.86 -5.95 18.03
CA ARG A 165 18.05 -6.89 18.81
C ARG A 165 18.41 -6.85 20.30
N GLU A 166 19.66 -6.59 20.63
CA GLU A 166 20.10 -6.60 22.02
C GLU A 166 19.74 -5.35 22.78
N ASP A 167 19.22 -4.36 22.08
CA ASP A 167 18.81 -3.10 22.66
C ASP A 167 17.33 -3.23 23.00
N THR A 168 17.03 -3.17 24.28
CA THR A 168 15.68 -3.40 24.75
C THR A 168 14.71 -2.31 24.30
N ARG A 169 15.22 -1.15 23.83
CA ARG A 169 14.34 -0.08 23.32
C ARG A 169 13.88 -0.34 21.92
N THR A 170 14.59 -1.15 21.18
CA THR A 170 14.27 -1.36 19.78
C THR A 170 12.88 -1.99 19.62
N ARG A 171 12.15 -1.52 18.60
CA ARG A 171 10.83 -2.01 18.25
C ARG A 171 10.90 -2.91 17.01
N HIS A 172 9.75 -3.47 16.61
CA HIS A 172 9.77 -4.57 15.65
C HIS A 172 10.29 -4.20 14.26
N HIS A 173 10.30 -2.91 13.91
CA HIS A 173 10.59 -2.56 12.52
C HIS A 173 11.95 -3.07 12.04
N VAL A 174 12.97 -3.10 12.92
CA VAL A 174 14.31 -3.55 12.51
C VAL A 174 14.26 -4.98 11.97
N TYR A 175 13.48 -5.86 12.63
CA TYR A 175 13.28 -7.23 12.14
C TYR A 175 12.76 -7.20 10.71
N VAL A 176 11.71 -6.40 10.46
CA VAL A 176 11.15 -6.26 9.11
C VAL A 176 12.25 -5.86 8.13
N THR A 177 12.97 -4.80 8.51
CA THR A 177 14.05 -4.23 7.69
C THR A 177 15.10 -5.30 7.40
N ALA A 178 15.58 -5.96 8.45
CA ALA A 178 16.64 -6.95 8.26
C ALA A 178 16.13 -8.04 7.31
N ALA A 179 14.92 -8.56 7.57
CA ALA A 179 14.38 -9.61 6.70
C ALA A 179 14.35 -9.10 5.25
N LEU A 180 13.75 -7.90 5.05
CA LEU A 180 13.59 -7.42 3.67
C LEU A 180 14.96 -7.24 3.03
N MET A 181 15.94 -6.77 3.82
CA MET A 181 17.30 -6.58 3.33
C MET A 181 17.86 -7.89 2.79
N GLU A 182 17.77 -8.95 3.61
CA GLU A 182 18.23 -10.27 3.19
C GLU A 182 17.53 -10.74 1.93
N TYR A 183 16.21 -10.46 1.80
CA TYR A 183 15.52 -10.88 0.57
C TYR A 183 15.92 -10.01 -0.62
N TYR A 184 16.06 -8.68 -0.40
CA TYR A 184 16.22 -7.78 -1.54
C TYR A 184 17.68 -7.70 -1.97
N CYS A 185 18.61 -7.89 -1.05
CA CYS A 185 20.03 -7.65 -1.34
C CYS A 185 20.82 -8.93 -1.53
N SER A 186 20.65 -9.87 -0.61
CA SER A 186 21.24 -11.19 -0.66
C SER A 186 20.40 -12.21 -1.40
N LYS A 187 19.18 -11.84 -1.78
CA LYS A 187 18.28 -12.73 -2.50
C LYS A 187 18.10 -14.07 -1.78
N ASP A 188 18.20 -14.05 -0.47
CA ASP A 188 18.12 -15.27 0.33
C ASP A 188 16.79 -15.35 1.06
N LYS A 189 15.86 -16.17 0.54
CA LYS A 189 14.54 -16.32 1.15
C LYS A 189 14.60 -17.06 2.50
N SER A 190 15.59 -17.95 2.69
CA SER A 190 15.64 -18.73 3.92
C SER A 190 15.97 -17.85 5.11
N VAL A 191 16.94 -16.97 4.94
CA VAL A 191 17.29 -16.08 6.05
C VAL A 191 16.15 -15.12 6.31
N ALA A 192 15.53 -14.59 5.24
CA ALA A 192 14.36 -13.73 5.39
C ALA A 192 13.32 -14.40 6.24
N PHE A 193 13.02 -15.65 5.92
CA PHE A 193 12.04 -16.41 6.69
C PHE A 193 12.45 -16.51 8.15
N LYS A 194 13.69 -16.88 8.42
CA LYS A 194 14.10 -17.08 9.81
C LYS A 194 13.97 -15.77 10.60
N ILE A 195 14.35 -14.66 9.99
CA ILE A 195 14.24 -13.39 10.70
C ILE A 195 12.78 -13.07 10.96
N PHE A 196 11.95 -13.21 9.93
CA PHE A 196 10.53 -12.94 10.15
C PHE A 196 9.98 -13.82 11.26
N GLU A 197 10.43 -15.08 11.32
CA GLU A 197 9.92 -16.00 12.34
C GLU A 197 10.39 -15.62 13.74
N LEU A 198 11.66 -15.26 13.89
CA LEU A 198 12.13 -14.79 15.19
C LEU A 198 11.35 -13.56 15.64
N GLY A 199 11.22 -12.61 14.71
CA GLY A 199 10.41 -11.44 14.99
C GLY A 199 8.98 -11.82 15.35
N LEU A 200 8.43 -12.85 14.69
CA LEU A 200 7.05 -13.25 15.00
C LEU A 200 6.96 -13.79 16.41
N LYS A 201 7.94 -14.60 16.81
CA LYS A 201 7.97 -15.03 18.20
C LYS A 201 7.91 -13.83 19.13
N LYS A 202 8.61 -12.76 18.79
CA LYS A 202 8.67 -11.65 19.75
C LYS A 202 7.52 -10.63 19.65
N TYR A 203 6.95 -10.41 18.47
CA TYR A 203 5.99 -9.34 18.26
C TYR A 203 4.72 -9.84 17.56
N GLY A 204 4.36 -11.12 17.70
CA GLY A 204 3.18 -11.68 17.03
C GLY A 204 1.87 -11.06 17.46
N ASP A 205 1.90 -10.21 18.46
CA ASP A 205 0.72 -9.53 18.91
C ASP A 205 0.63 -8.10 18.38
N ILE A 206 1.50 -7.70 17.46
CA ILE A 206 1.54 -6.35 16.87
C ILE A 206 1.00 -6.43 15.45
N PRO A 207 -0.16 -5.84 15.15
CA PRO A 207 -0.74 -6.06 13.82
C PRO A 207 0.16 -5.58 12.68
N GLU A 208 0.89 -4.46 12.84
CA GLU A 208 1.74 -3.94 11.76
C GLU A 208 2.88 -4.92 11.40
N TYR A 209 3.48 -5.56 12.42
CA TYR A 209 4.50 -6.57 12.17
C TYR A 209 3.92 -7.76 11.42
N VAL A 210 2.81 -8.31 11.92
CA VAL A 210 2.23 -9.50 11.29
C VAL A 210 1.88 -9.19 9.83
N LEU A 211 1.32 -8.00 9.60
CA LEU A 211 0.99 -7.57 8.24
C LEU A 211 2.23 -7.46 7.36
N ALA A 212 3.37 -7.02 7.93
CA ALA A 212 4.59 -6.97 7.12
C ALA A 212 5.01 -8.36 6.65
N TYR A 213 5.05 -9.30 7.59
CA TYR A 213 5.40 -10.67 7.23
C TYR A 213 4.40 -11.23 6.22
N ILE A 214 3.11 -11.03 6.48
CA ILE A 214 2.10 -11.51 5.53
C ILE A 214 2.38 -10.93 4.16
N ASP A 215 2.65 -9.63 4.09
CA ASP A 215 2.89 -8.97 2.80
C ASP A 215 4.09 -9.59 2.08
N TYR A 216 5.21 -9.77 2.81
CA TYR A 216 6.39 -10.39 2.22
C TYR A 216 6.07 -11.77 1.62
N LEU A 217 5.42 -12.63 2.44
CA LEU A 217 5.16 -14.02 1.99
C LEU A 217 4.15 -14.06 0.84
N SER A 218 3.05 -13.31 0.95
CA SER A 218 2.08 -13.27 -0.15
C SER A 218 2.78 -12.99 -1.47
N HIS A 219 3.68 -11.97 -1.50
CA HIS A 219 4.32 -11.60 -2.77
C HIS A 219 5.35 -12.64 -3.22
N LEU A 220 5.78 -13.54 -2.33
CA LEU A 220 6.51 -14.70 -2.83
C LEU A 220 5.70 -15.57 -3.79
N ASN A 221 4.37 -15.45 -3.77
CA ASN A 221 3.48 -16.04 -4.78
C ASN A 221 3.41 -17.56 -4.68
N GLU A 222 3.47 -18.08 -3.47
CA GLU A 222 3.28 -19.49 -3.20
C GLU A 222 2.03 -19.70 -2.34
N ASP A 223 0.96 -20.19 -2.96
CA ASP A 223 -0.35 -20.23 -2.31
C ASP A 223 -0.32 -20.99 -0.98
N ASN A 224 0.29 -22.16 -0.96
CA ASN A 224 0.18 -22.96 0.24
C ASN A 224 0.89 -22.29 1.40
N ASN A 225 2.09 -21.77 1.18
CA ASN A 225 2.79 -21.11 2.27
C ASN A 225 2.03 -19.90 2.77
N THR A 226 1.44 -19.13 1.86
CA THR A 226 0.67 -17.96 2.27
C THR A 226 -0.51 -18.36 3.15
N ARG A 227 -1.32 -19.32 2.68
CA ARG A 227 -2.47 -19.75 3.49
C ARG A 227 -2.02 -20.27 4.86
N VAL A 228 -0.94 -21.05 4.87
CA VAL A 228 -0.46 -21.57 6.14
C VAL A 228 -0.17 -20.45 7.12
N LEU A 229 0.49 -19.40 6.63
CA LEU A 229 0.85 -18.28 7.51
C LEU A 229 -0.40 -17.54 8.00
N PHE A 230 -1.35 -17.35 7.09
CA PHE A 230 -2.63 -16.75 7.47
C PHE A 230 -3.29 -17.54 8.60
N GLU A 231 -3.35 -18.86 8.44
CA GLU A 231 -3.99 -19.69 9.47
C GLU A 231 -3.22 -19.59 10.77
N ARG A 232 -1.88 -19.71 10.71
CA ARG A 232 -1.06 -19.60 11.91
C ARG A 232 -1.36 -18.35 12.68
N VAL A 233 -1.35 -17.22 11.99
CA VAL A 233 -1.47 -15.97 12.69
C VAL A 233 -2.88 -15.76 13.23
N LEU A 234 -3.89 -16.14 12.45
CA LEU A 234 -5.25 -15.81 12.86
C LEU A 234 -5.83 -16.81 13.85
N THR A 235 -5.33 -18.05 13.87
CA THR A 235 -5.94 -19.06 14.74
C THR A 235 -5.11 -19.17 16.02
N SER A 236 -3.82 -19.44 15.90
CA SER A 236 -2.93 -19.45 17.04
C SER A 236 -2.31 -18.07 17.13
N GLY A 237 -1.32 -17.94 17.96
CA GLY A 237 -0.68 -16.66 17.99
C GLY A 237 -1.22 -15.73 19.05
N SER A 238 -0.61 -14.53 19.11
CA SER A 238 -1.00 -13.56 20.11
C SER A 238 -1.77 -12.36 19.60
N LEU A 239 -1.93 -12.22 18.32
CA LEU A 239 -2.64 -11.07 17.81
C LEU A 239 -4.03 -11.03 18.45
N PRO A 240 -4.36 -10.00 19.22
CA PRO A 240 -5.70 -9.84 19.74
C PRO A 240 -6.67 -10.09 18.63
N PRO A 241 -7.77 -10.77 18.90
CA PRO A 241 -8.80 -10.93 17.88
C PRO A 241 -9.39 -9.60 17.43
N GLU A 242 -9.39 -8.56 18.27
CA GLU A 242 -9.94 -7.25 17.90
C GLU A 242 -8.97 -6.39 17.12
N LYS A 243 -7.73 -6.86 16.96
CA LYS A 243 -6.69 -6.21 16.19
C LYS A 243 -6.38 -6.94 14.89
N SER A 244 -7.27 -7.81 14.45
CA SER A 244 -6.98 -8.68 13.33
C SER A 244 -7.74 -8.33 12.07
N GLY A 245 -8.55 -7.26 12.06
CA GLY A 245 -9.38 -6.96 10.89
C GLY A 245 -8.60 -6.86 9.57
N GLU A 246 -7.47 -6.16 9.60
CA GLU A 246 -6.69 -5.98 8.38
C GLU A 246 -6.15 -7.30 7.87
N ILE A 247 -5.72 -8.17 8.79
CA ILE A 247 -5.28 -9.52 8.42
C ILE A 247 -6.40 -10.26 7.70
N TRP A 248 -7.61 -10.26 8.27
CA TRP A 248 -8.70 -10.96 7.59
C TRP A 248 -8.92 -10.38 6.19
N ALA A 249 -8.79 -9.04 6.07
CA ALA A 249 -8.98 -8.38 4.77
C ALA A 249 -7.98 -8.88 3.74
N ARG A 250 -6.72 -8.97 4.15
CA ARG A 250 -5.68 -9.46 3.24
C ARG A 250 -5.94 -10.91 2.85
N PHE A 251 -6.44 -11.71 3.80
CA PHE A 251 -6.81 -13.10 3.57
C PHE A 251 -7.94 -13.19 2.53
N LEU A 252 -8.98 -12.38 2.69
CA LEU A 252 -10.04 -12.35 1.70
C LEU A 252 -9.52 -11.94 0.31
N ALA A 253 -8.60 -10.98 0.26
CA ALA A 253 -8.03 -10.63 -1.04
C ALA A 253 -7.17 -11.76 -1.61
N PHE A 254 -6.39 -12.43 -0.76
CA PHE A 254 -5.64 -13.58 -1.24
C PHE A 254 -6.58 -14.62 -1.86
N GLU A 255 -7.66 -14.99 -1.14
CA GLU A 255 -8.59 -16.00 -1.66
C GLU A 255 -9.31 -15.51 -2.94
N SER A 256 -9.63 -14.23 -2.99
CA SER A 256 -10.21 -13.68 -4.21
C SER A 256 -9.26 -13.76 -5.41
N ASN A 257 -7.95 -13.72 -5.17
CA ASN A 257 -7.01 -13.81 -6.28
C ASN A 257 -6.72 -15.25 -6.70
N ILE A 258 -6.54 -16.16 -5.75
CA ILE A 258 -6.16 -17.52 -6.10
C ILE A 258 -7.25 -18.56 -5.83
N GLY A 259 -8.24 -18.27 -5.00
CA GLY A 259 -9.27 -19.23 -4.66
C GLY A 259 -10.53 -19.14 -5.49
N ASP A 260 -11.54 -19.88 -5.06
CA ASP A 260 -12.83 -19.87 -5.71
C ASP A 260 -13.87 -19.30 -4.76
N LEU A 261 -15.12 -19.19 -5.26
CA LEU A 261 -16.16 -18.55 -4.45
C LEU A 261 -16.35 -19.27 -3.12
N ALA A 262 -16.17 -20.59 -3.09
CA ALA A 262 -16.37 -21.31 -1.83
C ALA A 262 -15.33 -20.92 -0.78
N SER A 263 -14.06 -20.81 -1.17
CA SER A 263 -13.03 -20.47 -0.18
C SER A 263 -13.21 -19.04 0.32
N ILE A 264 -13.60 -18.14 -0.60
CA ILE A 264 -13.94 -16.77 -0.22
C ILE A 264 -15.07 -16.74 0.80
N LEU A 265 -16.14 -17.54 0.58
CA LEU A 265 -17.27 -17.48 1.52
C LEU A 265 -16.88 -18.07 2.87
N LYS A 266 -16.12 -19.18 2.87
CA LYS A 266 -15.63 -19.74 4.14
C LYS A 266 -14.87 -18.69 4.94
N VAL A 267 -13.91 -18.01 4.29
CA VAL A 267 -13.12 -16.99 4.97
C VAL A 267 -14.02 -15.83 5.41
N GLU A 268 -14.96 -15.41 4.56
CA GLU A 268 -15.87 -14.31 4.95
C GLU A 268 -16.62 -14.65 6.23
N LYS A 269 -17.15 -15.89 6.30
CA LYS A 269 -17.95 -16.28 7.47
C LYS A 269 -17.09 -16.39 8.74
N ARG A 270 -15.87 -16.96 8.64
CA ARG A 270 -14.98 -16.94 9.79
C ARG A 270 -14.74 -15.50 10.24
N ARG A 271 -14.56 -14.58 9.30
CA ARG A 271 -14.32 -13.20 9.70
C ARG A 271 -15.53 -12.65 10.45
N PHE A 272 -16.71 -12.83 9.88
CA PHE A 272 -17.87 -12.25 10.52
C PHE A 272 -18.06 -12.82 11.92
N THR A 273 -17.92 -14.14 12.06
CA THR A 273 -17.95 -14.72 13.40
C THR A 273 -17.02 -13.95 14.33
N ALA A 274 -15.74 -13.80 13.93
CA ALA A 274 -14.77 -13.09 14.75
C ALA A 274 -15.23 -11.66 15.07
N PHE A 275 -16.07 -11.06 14.25
CA PHE A 275 -16.47 -9.71 14.62
C PHE A 275 -17.98 -9.55 14.67
N LYS A 276 -18.68 -10.63 15.10
CA LYS A 276 -20.14 -10.67 15.06
C LYS A 276 -20.74 -9.39 15.61
N GLU A 277 -20.16 -8.87 16.69
CA GLU A 277 -20.76 -7.71 17.31
C GLU A 277 -20.55 -6.46 16.46
N GLU A 278 -19.30 -6.22 16.07
CA GLU A 278 -18.98 -4.96 15.40
C GLU A 278 -19.61 -4.87 14.01
N TYR A 279 -19.90 -5.98 13.38
CA TYR A 279 -20.41 -5.92 12.02
C TYR A 279 -21.90 -6.21 11.96
N GLU A 280 -22.63 -6.00 13.05
CA GLU A 280 -24.08 -6.19 12.99
C GLU A 280 -24.71 -5.33 11.89
N GLY A 281 -25.54 -5.94 11.04
CA GLY A 281 -26.19 -5.19 9.98
C GLY A 281 -25.27 -4.61 8.91
N LYS A 282 -23.99 -5.02 8.87
CA LYS A 282 -23.00 -4.47 7.93
C LYS A 282 -22.59 -5.49 6.88
N GLU A 283 -23.41 -6.53 6.70
CA GLU A 283 -23.08 -7.59 5.75
C GLU A 283 -22.92 -7.03 4.34
N THR A 284 -23.85 -6.15 3.93
CA THR A 284 -23.73 -5.55 2.60
C THR A 284 -22.52 -4.61 2.50
N ALA A 285 -22.23 -3.83 3.54
CA ALA A 285 -21.03 -2.99 3.46
C ALA A 285 -19.77 -3.84 3.32
N LEU A 286 -19.76 -5.04 3.95
CA LEU A 286 -18.62 -5.95 3.80
C LEU A 286 -18.58 -6.54 2.39
N LEU A 287 -19.75 -6.88 1.83
CA LEU A 287 -19.83 -7.42 0.48
C LEU A 287 -19.17 -6.50 -0.52
N VAL A 288 -19.37 -5.20 -0.34
CA VAL A 288 -18.67 -4.26 -1.21
C VAL A 288 -17.20 -4.66 -1.32
N ASP A 289 -16.56 -5.07 -0.22
CA ASP A 289 -15.13 -5.34 -0.33
C ASP A 289 -14.85 -6.70 -0.98
N ARG A 290 -15.87 -7.51 -1.25
CA ARG A 290 -15.59 -8.68 -2.08
C ARG A 290 -15.26 -8.29 -3.54
N TYR A 291 -15.73 -7.12 -4.04
CA TYR A 291 -15.66 -6.74 -5.46
C TYR A 291 -14.73 -5.56 -5.74
N LYS A 292 -14.52 -4.68 -4.78
CA LYS A 292 -13.71 -3.50 -5.04
C LYS A 292 -12.30 -3.86 -5.51
N PHE A 293 -11.76 -3.06 -6.43
CA PHE A 293 -10.39 -3.22 -6.90
C PHE A 293 -9.81 -1.83 -7.14
N MET A 294 -8.67 -1.53 -6.51
CA MET A 294 -8.09 -0.21 -6.66
C MET A 294 -9.15 0.83 -6.32
N ASP A 295 -9.39 1.76 -7.25
CA ASP A 295 -10.37 2.83 -7.06
C ASP A 295 -11.73 2.54 -7.69
N LEU A 296 -11.98 1.30 -8.15
CA LEU A 296 -13.27 0.92 -8.72
C LEU A 296 -14.12 0.32 -7.59
N TYR A 297 -15.33 0.84 -7.44
CA TYR A 297 -16.28 0.37 -6.45
C TYR A 297 -17.55 -0.08 -7.15
N PRO A 298 -18.27 -1.05 -6.58
CA PRO A 298 -19.57 -1.43 -7.15
C PRO A 298 -20.71 -0.50 -6.80
N CYS A 299 -20.44 0.61 -6.15
CA CYS A 299 -21.50 1.50 -5.67
C CYS A 299 -21.05 2.96 -5.76
N SER A 300 -22.01 3.85 -5.95
CA SER A 300 -21.75 5.28 -5.87
C SER A 300 -21.46 5.69 -4.44
N ALA A 301 -20.87 6.88 -4.30
CA ALA A 301 -20.52 7.43 -3.00
C ALA A 301 -21.74 7.49 -2.07
N SER A 302 -22.89 7.91 -2.59
CA SER A 302 -24.09 8.00 -1.76
C SER A 302 -24.60 6.62 -1.34
N GLU A 303 -24.59 5.65 -2.28
CA GLU A 303 -24.91 4.27 -1.92
C GLU A 303 -23.95 3.76 -0.84
N LEU A 304 -22.65 4.10 -0.97
CA LEU A 304 -21.67 3.60 -0.02
C LEU A 304 -21.90 4.18 1.37
N LYS A 305 -22.23 5.47 1.45
CA LYS A 305 -22.52 6.07 2.76
C LYS A 305 -23.77 5.47 3.36
N ALA A 306 -24.80 5.26 2.55
CA ALA A 306 -26.03 4.67 3.09
C ALA A 306 -25.85 3.22 3.55
N LEU A 307 -24.82 2.54 3.07
CA LEU A 307 -24.55 1.16 3.48
C LEU A 307 -23.78 1.09 4.79
N GLY A 308 -23.21 2.21 5.24
CA GLY A 308 -22.34 2.18 6.39
C GLY A 308 -20.93 1.77 6.05
N TYR A 309 -20.52 2.00 4.81
CA TYR A 309 -19.22 1.57 4.31
C TYR A 309 -18.13 2.50 4.83
N LYS A 310 -17.01 1.89 5.26
CA LYS A 310 -15.86 2.58 5.82
C LYS A 310 -14.57 2.21 5.09
N ASP A 311 -13.80 3.25 4.74
CA ASP A 311 -12.49 3.11 4.08
C ASP A 311 -12.63 2.90 2.56
N PRO B 6 -31.88 11.39 7.14
CA PRO B 6 -31.99 11.13 8.59
C PRO B 6 -33.27 10.37 9.03
N GLN B 7 -34.43 11.02 8.93
CA GLN B 7 -35.68 10.31 9.23
C GLN B 7 -35.73 9.01 8.44
N GLU B 8 -35.16 9.01 7.23
CA GLU B 8 -35.10 7.79 6.43
C GLU B 8 -34.30 6.72 7.14
N ALA B 9 -33.25 7.15 7.88
CA ALA B 9 -32.46 6.18 8.65
C ALA B 9 -33.25 5.63 9.84
N GLN B 10 -34.07 6.48 10.48
CA GLN B 10 -34.94 5.99 11.55
C GLN B 10 -35.94 4.97 11.01
N GLN B 11 -36.51 5.23 9.82
CA GLN B 11 -37.42 4.29 9.21
C GLN B 11 -36.70 2.98 8.89
N VAL B 12 -35.47 3.08 8.38
CA VAL B 12 -34.71 1.87 8.05
C VAL B 12 -34.49 1.04 9.32
N ASP B 13 -34.17 1.71 10.43
CA ASP B 13 -33.95 0.98 11.67
C ASP B 13 -35.24 0.32 12.16
N MET B 14 -36.40 1.01 12.11
CA MET B 14 -37.65 0.36 12.50
C MET B 14 -37.92 -0.87 11.64
N TRP B 15 -37.66 -0.79 10.33
CA TRP B 15 -37.90 -1.94 9.46
C TRP B 15 -36.95 -3.09 9.79
N LYS B 16 -35.69 -2.79 10.02
CA LYS B 16 -34.76 -3.88 10.30
C LYS B 16 -35.04 -4.49 11.67
N LYS B 17 -35.42 -3.68 12.66
CA LYS B 17 -35.72 -4.24 13.96
C LYS B 17 -36.96 -5.12 13.90
N TYR B 18 -37.98 -4.67 13.17
CA TYR B 18 -39.16 -5.49 12.97
C TYR B 18 -38.82 -6.81 12.27
N ILE B 19 -37.94 -6.77 11.25
CA ILE B 19 -37.57 -7.99 10.55
C ILE B 19 -36.80 -8.92 11.48
N GLN B 20 -35.89 -8.37 12.31
CA GLN B 20 -35.23 -9.18 13.33
C GLN B 20 -36.25 -9.79 14.30
N TRP B 21 -37.28 -9.04 14.68
CA TRP B 21 -38.32 -9.63 15.51
C TRP B 21 -38.93 -10.85 14.85
N GLU B 22 -39.30 -10.73 13.56
CA GLU B 22 -39.88 -11.86 12.86
C GLU B 22 -38.88 -13.02 12.79
N LYS B 23 -37.62 -12.70 12.57
CA LYS B 23 -36.63 -13.76 12.44
C LYS B 23 -36.41 -14.51 13.75
N SER B 24 -36.72 -13.88 14.91
CA SER B 24 -36.66 -14.51 16.23
C SER B 24 -37.80 -15.51 16.46
N ASN B 25 -38.59 -15.74 15.45
CA ASN B 25 -39.72 -16.64 15.52
C ASN B 25 -40.68 -16.30 16.64
N PRO B 26 -41.43 -15.22 16.47
CA PRO B 26 -42.42 -14.85 17.49
C PRO B 26 -43.45 -15.94 17.73
N LEU B 27 -43.71 -16.81 16.75
CA LEU B 27 -44.69 -17.86 16.97
C LEU B 27 -44.16 -19.02 17.81
N ARG B 28 -42.86 -19.10 18.06
CA ARG B 28 -42.25 -20.25 18.74
C ARG B 28 -42.60 -21.56 18.03
N THR B 29 -42.78 -21.50 16.71
CA THR B 29 -43.06 -22.68 15.90
C THR B 29 -41.78 -23.45 15.53
N GLU B 30 -41.97 -24.73 15.21
CA GLU B 30 -40.89 -25.58 14.74
C GLU B 30 -40.88 -25.73 13.23
N ASP B 31 -41.99 -25.37 12.56
CA ASP B 31 -42.08 -25.43 11.09
C ASP B 31 -41.31 -24.26 10.47
N GLN B 32 -40.09 -24.55 10.01
CA GLN B 32 -39.29 -23.48 9.43
C GLN B 32 -39.99 -22.81 8.25
N THR B 33 -40.79 -23.54 7.46
CA THR B 33 -41.44 -22.94 6.30
C THR B 33 -42.32 -21.77 6.71
N LEU B 34 -42.97 -21.87 7.87
CA LEU B 34 -43.85 -20.78 8.30
C LEU B 34 -43.06 -19.57 8.77
N ILE B 35 -41.98 -19.81 9.52
CA ILE B 35 -41.10 -18.73 9.91
C ILE B 35 -40.59 -17.98 8.68
N THR B 36 -40.19 -18.73 7.65
CA THR B 36 -39.69 -18.11 6.43
C THR B 36 -40.83 -17.35 5.73
N LYS B 37 -42.05 -17.92 5.71
CA LYS B 37 -43.16 -17.20 5.09
C LYS B 37 -43.34 -15.84 5.77
N ARG B 38 -43.32 -15.83 7.11
CA ARG B 38 -43.52 -14.58 7.84
C ARG B 38 -42.39 -13.58 7.60
N VAL B 39 -41.15 -14.04 7.67
CA VAL B 39 -40.01 -13.14 7.46
C VAL B 39 -40.06 -12.53 6.07
N MET B 40 -40.29 -13.36 5.05
CA MET B 40 -40.35 -12.86 3.68
C MET B 40 -41.51 -11.91 3.47
N PHE B 41 -42.63 -12.16 4.16
CA PHE B 41 -43.72 -11.20 4.10
C PHE B 41 -43.26 -9.86 4.65
N ALA B 42 -42.60 -9.86 5.81
CA ALA B 42 -42.12 -8.59 6.33
C ALA B 42 -41.15 -7.92 5.36
N TYR B 43 -40.27 -8.71 4.73
CA TYR B 43 -39.34 -8.17 3.74
C TYR B 43 -40.08 -7.51 2.59
N GLU B 44 -41.18 -8.13 2.15
CA GLU B 44 -41.99 -7.57 1.06
C GLU B 44 -42.59 -6.23 1.46
N GLN B 45 -43.20 -6.17 2.63
CA GLN B 45 -43.71 -4.89 3.10
C GLN B 45 -42.59 -3.85 3.10
N CYS B 46 -41.39 -4.24 3.56
CA CYS B 46 -40.31 -3.26 3.65
C CYS B 46 -39.94 -2.74 2.27
N LEU B 47 -39.83 -3.65 1.31
CA LEU B 47 -39.42 -3.27 -0.03
C LEU B 47 -40.45 -2.35 -0.69
N LEU B 48 -41.72 -2.41 -0.25
CA LEU B 48 -42.69 -1.47 -0.80
C LEU B 48 -42.20 -0.03 -0.63
N VAL B 49 -41.51 0.26 0.46
CA VAL B 49 -41.10 1.65 0.71
C VAL B 49 -39.59 1.82 0.71
N LEU B 50 -38.79 0.79 0.83
CA LEU B 50 -37.36 0.99 0.82
C LEU B 50 -36.69 0.22 -0.29
N GLY B 51 -37.43 -0.05 -1.37
CA GLY B 51 -36.88 -0.79 -2.49
C GLY B 51 -35.66 -0.15 -3.15
N HIS B 52 -35.36 1.13 -2.89
CA HIS B 52 -34.15 1.76 -3.42
C HIS B 52 -32.91 1.46 -2.57
N HIS B 53 -33.05 0.65 -1.51
CA HIS B 53 -31.92 0.25 -0.66
C HIS B 53 -31.40 -1.11 -1.10
N PRO B 54 -30.19 -1.20 -1.65
CA PRO B 54 -29.69 -2.52 -2.11
C PRO B 54 -29.43 -3.51 -0.99
N ASP B 55 -29.08 -3.04 0.22
CA ASP B 55 -28.88 -3.92 1.37
C ASP B 55 -30.15 -4.69 1.71
N ILE B 56 -31.33 -4.12 1.48
CA ILE B 56 -32.55 -4.83 1.86
C ILE B 56 -32.78 -6.03 0.94
N TRP B 57 -32.68 -5.81 -0.38
CA TRP B 57 -32.73 -6.91 -1.35
C TRP B 57 -31.71 -7.99 -1.03
N TYR B 58 -30.48 -7.57 -0.73
CA TYR B 58 -29.41 -8.53 -0.49
C TYR B 58 -29.73 -9.37 0.75
N GLU B 59 -30.12 -8.71 1.85
CA GLU B 59 -30.41 -9.44 3.07
C GLU B 59 -31.60 -10.36 2.93
N ALA B 60 -32.62 -9.97 2.15
CA ALA B 60 -33.76 -10.87 1.92
C ALA B 60 -33.33 -12.10 1.14
N ALA B 61 -32.51 -11.92 0.08
CA ALA B 61 -32.08 -13.09 -0.68
C ALA B 61 -31.24 -14.00 0.19
N GLN B 62 -30.36 -13.42 1.00
CA GLN B 62 -29.50 -14.24 1.86
C GLN B 62 -30.33 -15.03 2.86
N TYR B 63 -31.37 -14.41 3.40
CA TYR B 63 -32.22 -15.13 4.34
C TYR B 63 -32.94 -16.28 3.65
N LEU B 64 -33.45 -16.05 2.44
CA LEU B 64 -34.07 -17.15 1.72
C LEU B 64 -33.07 -18.28 1.47
N GLU B 65 -31.81 -17.94 1.15
CA GLU B 65 -30.81 -18.98 0.92
C GLU B 65 -30.52 -19.76 2.21
N GLN B 66 -30.36 -19.05 3.32
CA GLN B 66 -30.19 -19.70 4.61
C GLN B 66 -31.36 -20.63 4.94
N SER B 67 -32.59 -20.19 4.65
CA SER B 67 -33.74 -21.05 4.91
C SER B 67 -33.67 -22.30 4.05
N SER B 68 -33.28 -22.14 2.78
CA SER B 68 -33.17 -23.29 1.89
C SER B 68 -32.19 -24.31 2.43
N LYS B 69 -31.04 -23.83 2.92
CA LYS B 69 -30.07 -24.76 3.49
C LYS B 69 -30.63 -25.42 4.73
N LEU B 70 -31.26 -24.63 5.61
CA LEU B 70 -31.79 -25.23 6.83
C LEU B 70 -32.77 -26.33 6.49
N LEU B 71 -33.60 -26.12 5.45
CA LEU B 71 -34.55 -27.16 5.04
C LEU B 71 -33.85 -28.33 4.35
N ALA B 72 -32.74 -28.08 3.65
CA ALA B 72 -31.98 -29.18 3.07
C ALA B 72 -31.41 -30.09 4.15
N GLU B 73 -30.86 -29.50 5.21
CA GLU B 73 -30.27 -30.29 6.28
C GLU B 73 -31.32 -31.13 6.99
N LYS B 74 -32.53 -30.64 7.08
CA LYS B 74 -33.64 -31.39 7.63
C LYS B 74 -34.19 -32.42 6.65
N GLY B 75 -33.65 -32.49 5.42
CA GLY B 75 -34.10 -33.46 4.44
C GLY B 75 -35.29 -33.01 3.58
N ASP B 76 -35.89 -31.85 3.86
CA ASP B 76 -37.04 -31.39 3.06
C ASP B 76 -36.52 -30.79 1.75
N MET B 77 -36.28 -31.65 0.76
CA MET B 77 -35.63 -31.11 -0.43
C MET B 77 -36.60 -30.27 -1.27
N ASN B 78 -37.90 -30.54 -1.23
CA ASN B 78 -38.79 -29.75 -2.09
C ASN B 78 -38.80 -28.27 -1.66
N ASN B 79 -39.01 -28.03 -0.37
CA ASN B 79 -38.96 -26.64 0.08
C ASN B 79 -37.56 -26.07 -0.04
N ALA B 80 -36.51 -26.89 0.09
CA ALA B 80 -35.17 -26.35 -0.08
C ALA B 80 -34.99 -25.76 -1.48
N LYS B 81 -35.40 -26.53 -2.50
CA LYS B 81 -35.29 -26.07 -3.88
C LYS B 81 -36.19 -24.85 -4.12
N LEU B 82 -37.42 -24.90 -3.59
CA LEU B 82 -38.32 -23.77 -3.71
C LEU B 82 -37.66 -22.50 -3.22
N PHE B 83 -37.17 -22.52 -1.97
CA PHE B 83 -36.54 -21.36 -1.40
C PHE B 83 -35.28 -20.98 -2.15
N SER B 84 -34.56 -21.97 -2.70
CA SER B 84 -33.40 -21.67 -3.52
C SER B 84 -33.80 -20.85 -4.75
N ASP B 85 -34.85 -21.30 -5.44
CA ASP B 85 -35.30 -20.56 -6.62
C ASP B 85 -35.87 -19.19 -6.24
N GLU B 86 -36.53 -19.09 -5.11
CA GLU B 86 -37.11 -17.81 -4.73
C GLU B 86 -36.03 -16.80 -4.41
N ALA B 87 -34.92 -17.26 -3.82
CA ALA B 87 -33.80 -16.37 -3.61
C ALA B 87 -33.30 -15.82 -4.94
N ALA B 88 -33.07 -16.70 -5.92
CA ALA B 88 -32.72 -16.22 -7.25
C ALA B 88 -33.71 -15.14 -7.72
N ASN B 89 -35.01 -15.38 -7.55
CA ASN B 89 -35.99 -14.43 -8.07
C ASN B 89 -35.89 -13.09 -7.36
N ILE B 90 -35.49 -13.10 -6.09
CA ILE B 90 -35.33 -11.83 -5.39
C ILE B 90 -34.23 -11.00 -6.07
N TYR B 91 -33.09 -11.65 -6.34
CA TYR B 91 -32.04 -10.93 -7.07
C TYR B 91 -32.59 -10.42 -8.41
N GLU B 92 -33.27 -11.30 -9.15
CA GLU B 92 -33.78 -10.90 -10.47
C GLU B 92 -34.69 -9.68 -10.34
N ARG B 93 -35.61 -9.68 -9.37
CA ARG B 93 -36.50 -8.53 -9.18
C ARG B 93 -35.73 -7.27 -8.80
N ALA B 94 -34.72 -7.40 -7.95
CA ALA B 94 -33.94 -6.24 -7.53
C ALA B 94 -33.27 -5.56 -8.72
N ILE B 95 -32.65 -6.36 -9.61
CA ILE B 95 -31.97 -5.69 -10.71
C ILE B 95 -32.93 -5.32 -11.83
N SER B 96 -34.14 -5.84 -11.84
CA SER B 96 -35.01 -5.61 -12.97
C SER B 96 -35.95 -4.43 -12.74
N THR B 97 -36.00 -3.93 -11.51
CA THR B 97 -36.78 -2.76 -11.17
C THR B 97 -36.13 -2.04 -10.00
N LEU B 98 -36.18 -0.71 -10.00
CA LEU B 98 -35.60 0.11 -8.91
C LEU B 98 -34.08 0.26 -8.97
N LEU B 99 -33.35 -0.86 -8.89
CA LEU B 99 -31.91 -0.79 -8.94
C LEU B 99 -31.37 -1.46 -10.20
N LYS B 100 -31.85 -1.01 -11.35
CA LYS B 100 -31.49 -1.62 -12.62
C LYS B 100 -30.02 -1.36 -13.03
N LYS B 101 -29.30 -0.38 -12.41
CA LYS B 101 -27.89 -0.13 -12.74
C LYS B 101 -26.96 -0.42 -11.56
N ASN B 102 -27.43 -1.21 -10.58
CA ASN B 102 -26.66 -1.46 -9.35
C ASN B 102 -25.68 -2.63 -9.53
N MET B 103 -24.43 -2.29 -9.73
CA MET B 103 -23.37 -3.27 -9.92
C MET B 103 -23.28 -4.24 -8.74
N LEU B 104 -23.50 -3.76 -7.52
CA LEU B 104 -23.36 -4.64 -6.38
C LEU B 104 -24.35 -5.79 -6.41
N LEU B 105 -25.63 -5.50 -6.77
CA LEU B 105 -26.65 -6.55 -6.81
C LEU B 105 -26.42 -7.48 -7.99
N TYR B 106 -25.98 -6.95 -9.14
CA TYR B 106 -25.59 -7.79 -10.27
C TYR B 106 -24.50 -8.78 -9.89
N PHE B 107 -23.45 -8.31 -9.22
CA PHE B 107 -22.38 -9.20 -8.76
C PHE B 107 -22.90 -10.21 -7.72
N ALA B 108 -23.70 -9.75 -6.74
CA ALA B 108 -24.23 -10.70 -5.78
C ALA B 108 -25.04 -11.79 -6.47
N TYR B 109 -25.92 -11.38 -7.39
CA TYR B 109 -26.71 -12.30 -8.20
C TYR B 109 -25.81 -13.28 -8.94
N ALA B 110 -24.79 -12.77 -9.62
CA ALA B 110 -23.90 -13.69 -10.32
C ALA B 110 -23.32 -14.72 -9.36
N ASP B 111 -22.88 -14.26 -8.20
CA ASP B 111 -22.20 -15.16 -7.27
C ASP B 111 -23.17 -16.20 -6.75
N TYR B 112 -24.41 -15.81 -6.51
CA TYR B 112 -25.41 -16.77 -6.05
C TYR B 112 -25.62 -17.85 -7.09
N GLU B 113 -25.74 -17.45 -8.37
CA GLU B 113 -25.95 -18.46 -9.41
C GLU B 113 -24.71 -19.31 -9.66
N GLU B 114 -23.52 -18.71 -9.50
CA GLU B 114 -22.27 -19.45 -9.58
C GLU B 114 -22.23 -20.55 -8.52
N SER B 115 -22.71 -20.22 -7.30
CA SER B 115 -22.74 -21.21 -6.24
C SER B 115 -23.75 -22.31 -6.50
N ARG B 116 -24.72 -22.10 -7.41
CA ARG B 116 -25.64 -23.16 -7.80
C ARG B 116 -25.17 -23.86 -9.07
N MET B 117 -24.00 -23.54 -9.60
CA MET B 117 -23.42 -24.20 -10.77
C MET B 117 -24.25 -23.94 -12.02
N LYS B 118 -24.91 -22.79 -12.06
CA LYS B 118 -25.69 -22.39 -13.21
C LYS B 118 -24.90 -21.35 -13.99
N TYR B 119 -23.88 -21.85 -14.71
CA TYR B 119 -22.91 -20.96 -15.32
C TYR B 119 -23.47 -20.17 -16.49
N GLU B 120 -24.37 -20.76 -17.30
CA GLU B 120 -24.99 -20.00 -18.39
C GLU B 120 -25.78 -18.80 -17.88
N LYS B 121 -26.43 -18.98 -16.74
CA LYS B 121 -27.10 -17.88 -16.08
C LYS B 121 -26.11 -16.80 -15.64
N VAL B 122 -24.92 -17.19 -15.13
CA VAL B 122 -23.92 -16.19 -14.72
C VAL B 122 -23.45 -15.37 -15.93
N HIS B 123 -23.10 -16.06 -17.02
CA HIS B 123 -22.72 -15.33 -18.23
C HIS B 123 -23.80 -14.33 -18.64
N SER B 124 -25.06 -14.77 -18.58
CA SER B 124 -26.17 -13.91 -18.90
C SER B 124 -26.26 -12.70 -17.95
N ILE B 125 -25.97 -12.89 -16.67
CA ILE B 125 -26.07 -11.75 -15.76
C ILE B 125 -24.99 -10.71 -16.07
N TYR B 126 -23.76 -11.16 -16.21
CA TYR B 126 -22.68 -10.22 -16.52
C TYR B 126 -22.91 -9.52 -17.86
N ASN B 127 -23.35 -10.27 -18.90
CA ASN B 127 -23.55 -9.65 -20.19
C ASN B 127 -24.78 -8.74 -20.21
N ARG B 128 -25.81 -9.07 -19.44
CA ARG B 128 -26.92 -8.12 -19.34
C ARG B 128 -26.41 -6.81 -18.76
N LEU B 129 -25.55 -6.89 -17.71
CA LEU B 129 -25.03 -5.65 -17.11
C LEU B 129 -24.16 -4.85 -18.09
N LEU B 130 -23.28 -5.53 -18.81
CA LEU B 130 -22.43 -4.90 -19.81
C LEU B 130 -23.23 -4.29 -20.97
N ALA B 131 -24.42 -4.81 -21.26
CA ALA B 131 -25.13 -4.24 -22.41
C ALA B 131 -25.77 -2.90 -22.09
N ILE B 132 -25.88 -2.54 -20.82
CA ILE B 132 -26.32 -1.21 -20.42
C ILE B 132 -25.20 -0.24 -20.77
N GLU B 133 -25.49 0.72 -21.65
CA GLU B 133 -24.41 1.48 -22.29
C GLU B 133 -23.75 2.43 -21.31
N ASP B 134 -24.55 3.19 -20.55
CA ASP B 134 -24.03 4.26 -19.69
C ASP B 134 -23.67 3.70 -18.32
N ILE B 135 -22.64 2.87 -18.33
CA ILE B 135 -22.11 2.23 -17.15
C ILE B 135 -20.63 2.11 -17.37
N ASP B 136 -19.82 2.30 -16.33
CA ASP B 136 -18.40 1.98 -16.47
C ASP B 136 -18.22 0.46 -16.35
N PRO B 137 -17.90 -0.24 -17.44
CA PRO B 137 -17.85 -1.70 -17.38
C PRO B 137 -16.56 -2.28 -16.84
N THR B 138 -15.60 -1.45 -16.38
CA THR B 138 -14.25 -1.95 -16.06
C THR B 138 -14.29 -2.96 -14.93
N LEU B 139 -14.87 -2.54 -13.79
CA LEU B 139 -15.06 -3.46 -12.67
C LEU B 139 -15.93 -4.65 -13.05
N VAL B 140 -16.90 -4.45 -13.95
CA VAL B 140 -17.73 -5.56 -14.42
C VAL B 140 -16.87 -6.59 -15.14
N TYR B 141 -16.03 -6.13 -16.05
CA TYR B 141 -15.15 -7.07 -16.72
C TYR B 141 -14.21 -7.75 -15.73
N ILE B 142 -13.72 -7.05 -14.72
CA ILE B 142 -12.83 -7.70 -13.75
C ILE B 142 -13.55 -8.84 -13.01
N GLN B 143 -14.73 -8.57 -12.50
CA GLN B 143 -15.48 -9.61 -11.81
C GLN B 143 -15.82 -10.76 -12.76
N TYR B 144 -16.15 -10.44 -14.03
CA TYR B 144 -16.53 -11.46 -15.00
C TYR B 144 -15.34 -12.36 -15.34
N MET B 145 -14.18 -11.74 -15.52
CA MET B 145 -12.96 -12.50 -15.76
C MET B 145 -12.65 -13.38 -14.55
N LYS B 146 -12.84 -12.86 -13.32
CA LYS B 146 -12.57 -13.68 -12.14
C LYS B 146 -13.45 -14.93 -12.17
N PHE B 147 -14.75 -14.74 -12.40
CA PHE B 147 -15.65 -15.87 -12.46
C PHE B 147 -15.22 -16.86 -13.54
N ALA B 148 -14.99 -16.37 -14.76
CA ALA B 148 -14.64 -17.27 -15.86
C ALA B 148 -13.43 -18.12 -15.52
N ARG B 149 -12.40 -17.48 -14.98
CA ARG B 149 -11.15 -18.20 -14.74
C ARG B 149 -11.34 -19.25 -13.66
N ARG B 150 -11.98 -18.89 -12.56
CA ARG B 150 -12.06 -19.82 -11.43
C ARG B 150 -13.09 -20.92 -11.64
N ALA B 151 -14.08 -20.72 -12.50
CA ALA B 151 -15.12 -21.71 -12.70
C ALA B 151 -15.06 -22.46 -14.02
N GLU B 152 -14.44 -21.87 -15.06
CA GLU B 152 -14.38 -22.48 -16.38
C GLU B 152 -12.97 -22.58 -16.94
N GLY B 153 -11.98 -21.91 -16.35
CA GLY B 153 -10.62 -22.17 -16.72
C GLY B 153 -10.00 -21.01 -17.47
N ILE B 154 -8.72 -21.23 -17.83
CA ILE B 154 -7.89 -20.18 -18.39
C ILE B 154 -8.46 -19.65 -19.69
N LYS B 155 -8.94 -20.53 -20.55
CA LYS B 155 -9.37 -20.07 -21.86
C LYS B 155 -10.60 -19.18 -21.74
N SER B 156 -11.56 -19.57 -20.90
CA SER B 156 -12.74 -18.74 -20.69
C SER B 156 -12.35 -17.37 -20.15
N GLY B 157 -11.40 -17.35 -19.23
CA GLY B 157 -10.89 -16.10 -18.72
C GLY B 157 -10.29 -15.23 -19.80
N ARG B 158 -9.41 -15.81 -20.62
CA ARG B 158 -8.79 -14.99 -21.66
C ARG B 158 -9.81 -14.46 -22.66
N MET B 159 -10.91 -15.21 -22.89
CA MET B 159 -11.93 -14.72 -23.82
C MET B 159 -12.66 -13.52 -23.22
N ILE B 160 -12.97 -13.57 -21.92
CA ILE B 160 -13.58 -12.40 -21.33
C ILE B 160 -12.63 -11.20 -21.41
N PHE B 161 -11.32 -11.44 -21.18
CA PHE B 161 -10.33 -10.36 -21.27
C PHE B 161 -10.32 -9.75 -22.67
N LYS B 162 -10.47 -10.59 -23.71
CA LYS B 162 -10.60 -10.10 -25.08
C LYS B 162 -11.82 -9.20 -25.24
N LYS B 163 -12.98 -9.67 -24.79
CA LYS B 163 -14.14 -8.80 -24.84
C LYS B 163 -13.83 -7.46 -24.16
N ALA B 164 -13.09 -7.49 -23.04
CA ALA B 164 -12.81 -6.22 -22.33
C ALA B 164 -11.94 -5.29 -23.17
N ARG B 165 -10.88 -5.82 -23.75
CA ARG B 165 -10.03 -4.96 -24.57
C ARG B 165 -10.83 -4.35 -25.71
N GLU B 166 -11.77 -5.10 -26.27
CA GLU B 166 -12.49 -4.58 -27.43
C GLU B 166 -13.62 -3.63 -27.08
N ASP B 167 -13.93 -3.46 -25.81
CA ASP B 167 -14.94 -2.50 -25.37
C ASP B 167 -14.22 -1.19 -25.14
N THR B 168 -14.60 -0.15 -25.91
CA THR B 168 -13.91 1.13 -25.87
C THR B 168 -14.12 1.92 -24.57
N ARG B 169 -15.12 1.54 -23.75
CA ARG B 169 -15.37 2.12 -22.42
C ARG B 169 -14.45 1.59 -21.33
N THR B 170 -13.81 0.45 -21.56
CA THR B 170 -12.96 -0.13 -20.53
C THR B 170 -11.80 0.79 -20.17
N ARG B 171 -11.46 0.80 -18.89
CA ARG B 171 -10.32 1.52 -18.34
C ARG B 171 -9.18 0.53 -18.13
N HIS B 172 -8.01 1.06 -17.71
CA HIS B 172 -6.76 0.29 -17.70
C HIS B 172 -6.78 -0.85 -16.70
N HIS B 173 -7.62 -0.77 -15.68
CA HIS B 173 -7.53 -1.73 -14.59
C HIS B 173 -7.63 -3.19 -15.06
N VAL B 174 -8.41 -3.45 -16.13
CA VAL B 174 -8.58 -4.83 -16.64
C VAL B 174 -7.25 -5.44 -17.06
N TYR B 175 -6.42 -4.65 -17.75
CA TYR B 175 -5.07 -5.09 -18.07
C TYR B 175 -4.30 -5.49 -16.81
N VAL B 176 -4.28 -4.61 -15.79
CA VAL B 176 -3.59 -4.96 -14.54
C VAL B 176 -4.11 -6.32 -14.08
N THR B 177 -5.46 -6.44 -13.98
CA THR B 177 -6.10 -7.66 -13.46
C THR B 177 -5.66 -8.87 -14.28
N ALA B 178 -5.74 -8.76 -15.62
CA ALA B 178 -5.40 -9.88 -16.50
C ALA B 178 -3.97 -10.33 -16.23
N ALA B 179 -3.04 -9.37 -16.22
CA ALA B 179 -1.65 -9.69 -15.97
C ALA B 179 -1.52 -10.37 -14.61
N LEU B 180 -2.13 -9.76 -13.59
CA LEU B 180 -1.93 -10.33 -12.26
C LEU B 180 -2.52 -11.72 -12.21
N MET B 181 -3.66 -11.91 -12.86
CA MET B 181 -4.27 -13.23 -12.87
C MET B 181 -3.29 -14.25 -13.41
N GLU B 182 -2.69 -13.91 -14.56
CA GLU B 182 -1.72 -14.82 -15.16
C GLU B 182 -0.58 -15.12 -14.19
N TYR B 183 -0.09 -14.10 -13.48
CA TYR B 183 1.02 -14.32 -12.56
C TYR B 183 0.55 -15.08 -11.33
N TYR B 184 -0.64 -14.74 -10.82
CA TYR B 184 -1.00 -15.30 -9.53
C TYR B 184 -1.55 -16.70 -9.69
N CYS B 185 -2.24 -16.97 -10.81
CA CYS B 185 -2.98 -18.23 -11.00
C CYS B 185 -2.25 -19.20 -11.91
N SER B 186 -1.77 -18.75 -13.06
CA SER B 186 -0.99 -19.59 -13.97
C SER B 186 0.52 -19.53 -13.68
N LYS B 187 0.96 -18.67 -12.77
CA LYS B 187 2.38 -18.55 -12.42
C LYS B 187 3.25 -18.30 -13.66
N ASP B 188 2.69 -17.56 -14.62
CA ASP B 188 3.35 -17.30 -15.90
C ASP B 188 3.82 -15.84 -15.95
N LYS B 189 5.13 -15.64 -15.74
CA LYS B 189 5.71 -14.30 -15.80
C LYS B 189 5.74 -13.75 -17.22
N SER B 190 5.85 -14.62 -18.22
CA SER B 190 5.95 -14.11 -19.59
C SER B 190 4.64 -13.51 -20.07
N VAL B 191 3.52 -14.18 -19.78
CA VAL B 191 2.25 -13.63 -20.20
C VAL B 191 1.96 -12.35 -19.42
N ALA B 192 2.23 -12.37 -18.11
CA ALA B 192 2.08 -11.17 -17.29
C ALA B 192 2.78 -10.00 -17.94
N PHE B 193 4.05 -10.24 -18.32
CA PHE B 193 4.87 -9.21 -18.95
C PHE B 193 4.21 -8.68 -20.22
N LYS B 194 3.78 -9.57 -21.10
CA LYS B 194 3.22 -9.10 -22.36
C LYS B 194 1.96 -8.28 -22.12
N ILE B 195 1.11 -8.71 -21.19
CA ILE B 195 -0.13 -7.95 -20.96
C ILE B 195 0.19 -6.57 -20.40
N PHE B 196 1.11 -6.49 -19.44
CA PHE B 196 1.53 -5.19 -18.93
C PHE B 196 2.09 -4.32 -20.05
N GLU B 197 2.83 -4.92 -21.00
CA GLU B 197 3.43 -4.14 -22.07
C GLU B 197 2.37 -3.60 -23.04
N LEU B 198 1.40 -4.43 -23.39
CA LEU B 198 0.30 -3.97 -24.23
C LEU B 198 -0.47 -2.84 -23.56
N GLY B 199 -0.82 -3.06 -22.30
CA GLY B 199 -1.45 -2.00 -21.53
C GLY B 199 -0.61 -0.74 -21.48
N LEU B 200 0.73 -0.88 -21.44
CA LEU B 200 1.59 0.30 -21.36
C LEU B 200 1.54 1.11 -22.67
N LYS B 201 1.53 0.40 -23.80
CA LYS B 201 1.30 1.09 -25.08
C LYS B 201 0.04 1.92 -25.00
N LYS B 202 -1.00 1.40 -24.39
CA LYS B 202 -2.24 2.17 -24.40
C LYS B 202 -2.36 3.20 -23.26
N TYR B 203 -1.71 2.98 -22.12
CA TYR B 203 -1.98 3.76 -20.92
C TYR B 203 -0.69 4.27 -20.29
N GLY B 204 0.36 4.40 -21.10
CA GLY B 204 1.61 4.86 -20.54
C GLY B 204 1.55 6.25 -19.94
N ASP B 205 0.45 6.98 -20.13
CA ASP B 205 0.28 8.32 -19.57
C ASP B 205 -0.58 8.36 -18.31
N ILE B 206 -1.00 7.21 -17.80
CA ILE B 206 -1.84 7.10 -16.61
C ILE B 206 -0.92 6.68 -15.43
N PRO B 207 -0.70 7.55 -14.44
CA PRO B 207 0.23 7.16 -13.35
C PRO B 207 -0.21 5.92 -12.57
N GLU B 208 -1.51 5.67 -12.41
CA GLU B 208 -2.00 4.48 -11.69
C GLU B 208 -1.66 3.19 -12.42
N TYR B 209 -1.80 3.19 -13.75
CA TYR B 209 -1.41 2.01 -14.50
C TYR B 209 0.10 1.79 -14.39
N VAL B 210 0.89 2.84 -14.60
CA VAL B 210 2.34 2.68 -14.58
C VAL B 210 2.80 2.20 -13.21
N LEU B 211 2.22 2.77 -12.13
CA LEU B 211 2.56 2.33 -10.78
C LEU B 211 2.21 0.86 -10.56
N ALA B 212 1.08 0.41 -11.12
CA ALA B 212 0.76 -1.01 -10.98
C ALA B 212 1.85 -1.87 -11.61
N TYR B 213 2.25 -1.52 -12.83
CA TYR B 213 3.29 -2.28 -13.52
C TYR B 213 4.58 -2.27 -12.73
N ILE B 214 5.00 -1.07 -12.31
CA ILE B 214 6.19 -0.90 -11.48
C ILE B 214 6.10 -1.81 -10.25
N ASP B 215 4.97 -1.81 -9.56
CA ASP B 215 4.80 -2.63 -8.36
C ASP B 215 4.98 -4.12 -8.65
N TYR B 216 4.29 -4.63 -9.68
CA TYR B 216 4.46 -6.04 -10.01
C TYR B 216 5.93 -6.40 -10.28
N LEU B 217 6.59 -5.59 -11.13
CA LEU B 217 7.98 -5.92 -11.49
C LEU B 217 8.90 -5.80 -10.28
N SER B 218 8.75 -4.75 -9.49
CA SER B 218 9.55 -4.61 -8.28
C SER B 218 9.48 -5.85 -7.42
N HIS B 219 8.29 -6.38 -7.22
CA HIS B 219 8.19 -7.56 -6.37
C HIS B 219 8.74 -8.81 -7.05
N LEU B 220 8.94 -8.82 -8.37
CA LEU B 220 9.70 -9.95 -8.92
C LEU B 220 11.17 -9.95 -8.46
N ASN B 221 11.69 -8.82 -7.98
CA ASN B 221 12.97 -8.75 -7.26
C ASN B 221 14.19 -8.99 -8.17
N GLU B 222 14.15 -8.49 -9.39
CA GLU B 222 15.29 -8.53 -10.29
C GLU B 222 15.67 -7.08 -10.54
N ASP B 223 16.75 -6.62 -9.88
CA ASP B 223 17.06 -5.20 -9.78
C ASP B 223 17.16 -4.52 -11.14
N ASN B 224 17.85 -5.14 -12.07
CA ASN B 224 18.11 -4.49 -13.34
C ASN B 224 16.82 -4.29 -14.12
N ASN B 225 15.96 -5.33 -14.16
CA ASN B 225 14.70 -5.17 -14.89
C ASN B 225 13.88 -4.03 -14.28
N THR B 226 13.88 -3.92 -12.96
CA THR B 226 13.12 -2.87 -12.32
C THR B 226 13.65 -1.50 -12.72
N ARG B 227 14.97 -1.34 -12.67
CA ARG B 227 15.61 -0.07 -13.03
C ARG B 227 15.33 0.29 -14.48
N VAL B 228 15.41 -0.71 -15.34
CA VAL B 228 15.10 -0.44 -16.72
C VAL B 228 13.68 0.08 -16.84
N LEU B 229 12.74 -0.52 -16.09
CA LEU B 229 11.36 -0.09 -16.23
C LEU B 229 11.16 1.33 -15.69
N PHE B 230 11.77 1.65 -14.55
CA PHE B 230 11.68 3.02 -14.02
C PHE B 230 12.15 4.01 -15.07
N GLU B 231 13.31 3.70 -15.69
CA GLU B 231 13.90 4.60 -16.67
C GLU B 231 12.99 4.74 -17.86
N ARG B 232 12.52 3.61 -18.41
CA ARG B 232 11.58 3.68 -19.52
C ARG B 232 10.46 4.62 -19.18
N VAL B 233 9.83 4.42 -18.02
CA VAL B 233 8.59 5.13 -17.72
C VAL B 233 8.84 6.63 -17.55
N LEU B 234 9.92 7.00 -16.88
CA LEU B 234 10.21 8.39 -16.61
C LEU B 234 10.86 9.12 -17.79
N THR B 235 11.48 8.42 -18.74
CA THR B 235 12.16 9.02 -19.89
C THR B 235 11.33 9.05 -21.17
N SER B 236 10.70 7.96 -21.52
CA SER B 236 9.79 7.90 -22.65
C SER B 236 9.08 9.23 -22.96
N GLY B 237 8.51 9.92 -21.97
CA GLY B 237 7.71 11.09 -22.23
C GLY B 237 6.21 10.80 -22.27
N SER B 238 5.83 9.52 -22.41
CA SER B 238 4.42 9.18 -22.42
C SER B 238 3.75 9.66 -21.14
N LEU B 239 4.48 9.57 -20.02
CA LEU B 239 3.99 9.98 -18.72
C LEU B 239 4.29 11.45 -18.57
N PRO B 240 3.29 12.32 -18.47
CA PRO B 240 3.62 13.73 -18.29
C PRO B 240 4.48 13.89 -17.04
N PRO B 241 5.53 14.70 -17.11
CA PRO B 241 6.42 14.81 -15.94
C PRO B 241 5.77 15.36 -14.68
N GLU B 242 4.69 16.15 -14.80
CA GLU B 242 4.07 16.69 -13.61
C GLU B 242 3.15 15.69 -12.91
N LYS B 243 2.93 14.51 -13.51
CA LYS B 243 2.15 13.45 -12.91
C LYS B 243 3.02 12.28 -12.47
N SER B 244 4.32 12.49 -12.28
CA SER B 244 5.25 11.40 -12.07
C SER B 244 5.84 11.36 -10.66
N GLY B 245 5.40 12.27 -9.77
CA GLY B 245 6.02 12.34 -8.45
C GLY B 245 6.02 11.01 -7.72
N GLU B 246 4.88 10.32 -7.72
CA GLU B 246 4.80 9.05 -7.02
C GLU B 246 5.76 8.01 -7.61
N ILE B 247 5.90 7.98 -8.93
CA ILE B 247 6.89 7.10 -9.56
C ILE B 247 8.29 7.42 -9.06
N TRP B 248 8.67 8.72 -9.03
CA TRP B 248 9.97 9.10 -8.49
C TRP B 248 10.11 8.65 -7.03
N ALA B 249 9.04 8.78 -6.23
CA ALA B 249 9.13 8.34 -4.84
C ALA B 249 9.41 6.86 -4.74
N ARG B 250 8.71 6.07 -5.55
CA ARG B 250 8.99 4.63 -5.58
C ARG B 250 10.40 4.37 -6.06
N PHE B 251 10.88 5.17 -7.03
CA PHE B 251 12.24 4.96 -7.54
C PHE B 251 13.25 5.10 -6.42
N LEU B 252 13.09 6.17 -5.65
CA LEU B 252 13.94 6.43 -4.51
C LEU B 252 13.86 5.31 -3.49
N ALA B 253 12.66 4.76 -3.25
CA ALA B 253 12.52 3.65 -2.30
C ALA B 253 13.23 2.40 -2.81
N PHE B 254 13.11 2.12 -4.11
CA PHE B 254 13.88 1.02 -4.68
C PHE B 254 15.38 1.25 -4.48
N GLU B 255 15.88 2.43 -4.87
CA GLU B 255 17.33 2.65 -4.77
C GLU B 255 17.77 2.58 -3.31
N SER B 256 16.92 3.06 -2.42
CA SER B 256 17.22 2.96 -1.00
C SER B 256 17.28 1.50 -0.53
N ASN B 257 16.48 0.60 -1.11
CA ASN B 257 16.53 -0.79 -0.68
C ASN B 257 17.71 -1.54 -1.27
N ILE B 258 18.00 -1.37 -2.56
CA ILE B 258 19.08 -2.15 -3.14
C ILE B 258 20.30 -1.34 -3.53
N GLY B 259 20.20 -0.02 -3.62
CA GLY B 259 21.29 0.79 -4.13
C GLY B 259 22.23 1.29 -3.04
N ASP B 260 23.12 2.15 -3.47
CA ASP B 260 23.98 2.83 -2.52
C ASP B 260 23.66 4.33 -2.48
N LEU B 261 24.40 5.04 -1.62
CA LEU B 261 24.11 6.46 -1.39
C LEU B 261 24.29 7.26 -2.67
N ALA B 262 25.26 6.88 -3.50
CA ALA B 262 25.44 7.60 -4.74
C ALA B 262 24.20 7.52 -5.64
N SER B 263 23.62 6.32 -5.80
CA SER B 263 22.49 6.15 -6.73
C SER B 263 21.24 6.81 -6.18
N ILE B 264 21.05 6.73 -4.86
CA ILE B 264 19.98 7.48 -4.24
C ILE B 264 20.11 8.97 -4.56
N LEU B 265 21.32 9.53 -4.43
CA LEU B 265 21.45 10.97 -4.65
C LEU B 265 21.25 11.32 -6.12
N LYS B 266 21.75 10.50 -7.05
CA LYS B 266 21.47 10.76 -8.46
C LYS B 266 19.97 10.87 -8.66
N VAL B 267 19.22 9.90 -8.12
CA VAL B 267 17.79 9.90 -8.35
C VAL B 267 17.15 11.12 -7.72
N GLU B 268 17.57 11.48 -6.51
CA GLU B 268 16.98 12.62 -5.81
C GLU B 268 17.17 13.89 -6.60
N LYS B 269 18.37 14.07 -7.15
CA LYS B 269 18.62 15.28 -7.91
C LYS B 269 17.81 15.31 -9.22
N ARG B 270 17.72 14.18 -9.92
CA ARG B 270 16.85 14.13 -11.11
C ARG B 270 15.40 14.47 -10.74
N ARG B 271 14.93 13.94 -9.62
CA ARG B 271 13.56 14.25 -9.27
C ARG B 271 13.38 15.75 -9.03
N PHE B 272 14.27 16.32 -8.23
CA PHE B 272 14.12 17.72 -7.85
C PHE B 272 14.15 18.60 -9.08
N THR B 273 15.12 18.36 -9.97
CA THR B 273 15.13 19.06 -11.25
C THR B 273 13.74 19.01 -11.86
N ALA B 274 13.17 17.79 -11.96
CA ALA B 274 11.87 17.61 -12.60
C ALA B 274 10.78 18.45 -11.96
N PHE B 275 10.89 18.74 -10.67
CA PHE B 275 9.87 19.48 -9.94
C PHE B 275 10.45 20.75 -9.30
N LYS B 276 11.42 21.37 -9.96
CA LYS B 276 12.17 22.49 -9.37
C LYS B 276 11.24 23.52 -8.74
N GLU B 277 10.16 23.83 -9.41
CA GLU B 277 9.23 24.88 -9.00
C GLU B 277 8.39 24.47 -7.81
N GLU B 278 7.77 23.31 -7.88
CA GLU B 278 6.91 22.85 -6.79
C GLU B 278 7.70 22.55 -5.53
N TYR B 279 8.99 22.23 -5.63
CA TYR B 279 9.80 21.86 -4.47
C TYR B 279 10.80 22.95 -4.05
N GLU B 280 10.62 24.20 -4.47
CA GLU B 280 11.45 25.29 -3.95
C GLU B 280 11.36 25.40 -2.45
N GLY B 281 12.52 25.42 -1.81
CA GLY B 281 12.63 25.57 -0.38
C GLY B 281 12.13 24.37 0.39
N LYS B 282 11.88 23.24 -0.30
CA LYS B 282 11.36 22.02 0.31
C LYS B 282 12.35 20.85 0.29
N GLU B 283 13.64 21.16 0.21
CA GLU B 283 14.67 20.13 0.13
C GLU B 283 14.70 19.27 1.40
N THR B 284 14.59 19.93 2.55
CA THR B 284 14.66 19.22 3.83
C THR B 284 13.43 18.35 4.04
N ALA B 285 12.29 18.86 3.57
CA ALA B 285 11.07 18.07 3.66
C ALA B 285 11.23 16.80 2.85
N LEU B 286 11.88 16.90 1.69
CA LEU B 286 12.13 15.72 0.85
C LEU B 286 13.16 14.79 1.49
N LEU B 287 14.17 15.36 2.13
CA LEU B 287 15.16 14.57 2.87
C LEU B 287 14.50 13.68 3.90
N VAL B 288 13.47 14.18 4.56
CA VAL B 288 12.75 13.32 5.49
C VAL B 288 12.41 11.98 4.83
N ASP B 289 12.00 12.00 3.55
CA ASP B 289 11.55 10.75 2.92
C ASP B 289 12.72 9.90 2.48
N ARG B 290 13.93 10.39 2.63
CA ARG B 290 15.06 9.50 2.47
C ARG B 290 15.17 8.50 3.63
N TYR B 291 14.60 8.81 4.82
CA TYR B 291 14.82 8.04 6.06
C TYR B 291 13.57 7.36 6.64
N LYS B 292 12.39 7.92 6.46
CA LYS B 292 11.22 7.37 7.10
C LYS B 292 11.01 5.92 6.69
N PHE B 293 10.47 5.16 7.61
CA PHE B 293 10.08 3.81 7.31
C PHE B 293 8.83 3.53 8.09
N MET B 294 7.80 3.07 7.37
CA MET B 294 6.50 2.70 7.95
C MET B 294 6.04 3.92 8.76
N ASP B 295 5.74 3.80 10.04
CA ASP B 295 5.30 4.92 10.85
C ASP B 295 6.44 5.63 11.57
N LEU B 296 7.71 5.30 11.24
CA LEU B 296 8.88 5.92 11.88
C LEU B 296 9.38 7.11 11.08
N TYR B 297 9.48 8.26 11.73
CA TYR B 297 9.98 9.42 11.06
C TYR B 297 11.22 9.94 11.76
N PRO B 298 12.15 10.60 11.05
CA PRO B 298 13.29 11.22 11.72
C PRO B 298 12.99 12.53 12.43
N CYS B 299 11.71 12.90 12.55
CA CYS B 299 11.33 14.18 13.10
C CYS B 299 10.03 14.05 13.84
N SER B 300 9.84 14.92 14.81
CA SER B 300 8.55 15.03 15.51
C SER B 300 7.48 15.63 14.60
N ALA B 301 6.22 15.43 15.00
CA ALA B 301 5.12 15.99 14.23
C ALA B 301 5.23 17.51 14.11
N SER B 302 5.62 18.19 15.19
CA SER B 302 5.71 19.64 15.08
C SER B 302 6.87 20.04 14.18
N GLU B 303 8.02 19.37 14.33
CA GLU B 303 9.14 19.59 13.43
C GLU B 303 8.72 19.38 11.97
N LEU B 304 7.96 18.31 11.70
CA LEU B 304 7.53 18.00 10.35
C LEU B 304 6.60 19.08 9.79
N LYS B 305 5.66 19.58 10.60
CA LYS B 305 4.85 20.69 10.13
C LYS B 305 5.71 21.92 9.89
N ALA B 306 6.66 22.21 10.78
CA ALA B 306 7.51 23.36 10.54
C ALA B 306 8.35 23.18 9.28
N LEU B 307 8.62 21.95 8.85
CA LEU B 307 9.43 21.76 7.64
C LEU B 307 8.63 21.86 6.36
N GLY B 308 7.30 21.81 6.46
CA GLY B 308 6.47 21.75 5.28
C GLY B 308 6.26 20.36 4.73
N TYR B 309 6.32 19.34 5.59
CA TYR B 309 6.22 17.96 5.16
C TYR B 309 4.78 17.60 4.81
N LYS B 310 4.59 16.91 3.68
CA LYS B 310 3.28 16.42 3.26
C LYS B 310 3.41 14.91 3.10
N ASP B 311 2.56 14.17 3.80
CA ASP B 311 2.61 12.71 3.75
C ASP B 311 2.09 12.20 2.39
N GLY C 22 22.68 -15.22 21.85
CA GLY C 22 24.11 -15.19 21.69
C GLY C 22 24.53 -15.64 20.31
N ASP C 23 25.57 -16.47 20.25
CA ASP C 23 26.00 -17.03 18.97
C ASP C 23 25.04 -18.10 18.47
N GLU C 24 24.10 -18.53 19.31
CA GLU C 24 23.15 -19.58 18.94
C GLU C 24 22.04 -19.03 18.07
N GLU C 25 21.46 -17.89 18.47
CA GLU C 25 20.46 -17.24 17.64
C GLU C 25 21.06 -16.82 16.30
N GLU C 26 22.27 -16.25 16.33
CA GLU C 26 22.93 -15.82 15.10
C GLU C 26 23.28 -17.01 14.20
N GLU C 27 23.63 -18.16 14.79
CA GLU C 27 23.90 -19.36 14.00
C GLU C 27 22.62 -19.90 13.36
N TRP C 28 21.54 -19.93 14.14
CA TRP C 28 20.24 -20.34 13.61
C TRP C 28 19.81 -19.45 12.44
N LEU C 29 19.94 -18.12 12.59
CA LEU C 29 19.53 -17.20 11.53
C LEU C 29 20.37 -17.44 10.26
N TYR C 30 21.68 -17.35 10.38
CA TYR C 30 22.54 -17.50 9.22
C TYR C 30 23.40 -18.75 9.35
N GLU D 24 -4.62 -11.47 -33.84
CA GLU D 24 -3.22 -11.82 -33.67
C GLU D 24 -2.77 -11.55 -32.23
N GLU D 25 -3.33 -10.49 -31.62
CA GLU D 25 -2.95 -10.13 -30.26
C GLU D 25 -3.01 -11.33 -29.33
N GLU D 26 -4.04 -12.15 -29.49
CA GLU D 26 -4.17 -13.37 -28.68
C GLU D 26 -2.96 -14.28 -28.84
N GLU D 27 -2.55 -14.55 -30.09
CA GLU D 27 -1.36 -15.36 -30.32
C GLU D 27 -0.11 -14.68 -29.77
N TRP D 28 0.02 -13.36 -29.98
CA TRP D 28 1.14 -12.61 -29.42
C TRP D 28 1.23 -12.80 -27.91
N LEU D 29 0.09 -12.78 -27.22
CA LEU D 29 0.06 -12.83 -25.77
C LEU D 29 0.24 -14.23 -25.20
N TYR D 30 -0.28 -15.28 -25.87
CA TYR D 30 -0.35 -16.62 -25.28
C TYR D 30 0.44 -17.70 -26.02
N GLY D 31 0.82 -17.48 -27.29
CA GLY D 31 1.64 -18.44 -28.00
C GLY D 31 2.95 -18.73 -27.28
C1 GOL E . 41.44 3.69 6.79
O1 GOL E . 40.25 3.43 7.50
C2 GOL E . 41.44 5.17 6.41
O2 GOL E . 41.78 5.96 7.51
C3 GOL E . 42.47 5.33 5.26
O3 GOL E . 43.75 4.98 5.73
H11 GOL E . 41.46 3.08 5.89
H12 GOL E . 42.30 3.46 7.40
HO1 GOL E . 40.19 3.91 8.30
H2 GOL E . 40.46 5.50 6.10
HO2 GOL E . 42.68 6.19 7.49
H31 GOL E . 42.46 6.35 4.92
H32 GOL E . 42.19 4.67 4.45
HO3 GOL E . 44.44 5.16 5.12
C1 GOL F . 32.30 29.57 5.28
O1 GOL F . 33.45 29.18 5.94
C2 GOL F . 32.86 30.69 4.38
O2 GOL F . 33.43 31.67 5.19
C3 GOL F . 33.94 30.07 3.50
O3 GOL F . 33.56 28.78 3.09
H11 GOL F . 31.56 29.96 5.97
H12 GOL F . 31.88 28.77 4.70
HO1 GOL F . 33.31 28.44 6.49
H2 GOL F . 32.06 31.12 3.78
HO2 GOL F . 34.21 31.97 4.78
H31 GOL F . 34.86 30.01 4.05
H32 GOL F . 34.08 30.69 2.61
HO3 GOL F . 33.93 28.08 3.59
C1 GOL G . 25.87 13.50 0.02
O1 GOL G . 26.86 14.30 -0.58
C2 GOL G . 25.31 14.30 1.20
O2 GOL G . 25.22 15.67 0.99
C3 GOL G . 23.94 13.78 1.63
O3 GOL G . 23.57 14.35 2.84
H11 GOL G . 26.29 12.57 0.36
H12 GOL G . 25.08 13.31 -0.70
HO1 GOL G . 26.91 15.16 -0.23
H2 GOL G . 26.06 14.15 1.98
HO2 GOL G . 24.69 15.82 0.24
H31 GOL G . 23.99 12.70 1.75
H32 GOL G . 23.21 14.02 0.87
HO3 GOL G . 22.64 14.33 2.94
C1 GOL H . -18.31 -2.67 -27.65
O1 GOL H . -17.44 -3.63 -28.23
C2 GOL H . -19.72 -3.24 -27.37
O2 GOL H . -19.80 -3.99 -26.19
C3 GOL H . -20.69 -2.06 -27.21
O3 GOL H . -20.38 -1.30 -26.05
H11 GOL H . -18.40 -1.83 -28.34
H12 GOL H . -17.88 -2.33 -26.72
HO1 GOL H . -16.54 -3.44 -28.09
H2 GOL H . -19.95 -3.88 -28.20
HO2 GOL H . -20.10 -3.50 -25.47
H31 GOL H . -21.70 -2.44 -27.12
H32 GOL H . -20.63 -1.42 -28.08
HO3 GOL H . -20.95 -0.57 -25.94
C1 GOL I . -42.79 -16.92 1.10
O1 GOL I . -43.05 -17.83 0.09
C2 GOL I . -41.64 -17.57 1.85
O2 GOL I . -41.99 -18.86 2.31
C3 GOL I . -40.53 -17.82 0.82
O3 GOL I . -40.57 -16.78 -0.11
H11 GOL I . -43.64 -16.78 1.74
H12 GOL I . -42.49 -15.95 0.68
HO1 GOL I . -42.94 -18.72 0.36
H2 GOL I . -41.36 -16.94 2.68
HO2 GOL I . -41.23 -19.41 2.47
H31 GOL I . -40.70 -18.76 0.32
H32 GOL I . -39.58 -17.84 1.31
HO3 GOL I . -40.30 -17.10 -0.92
C1 GOL J . -23.89 -14.06 -3.40
O1 GOL J . -25.07 -13.33 -3.13
C2 GOL J . -23.49 -15.29 -2.53
O2 GOL J . -22.83 -14.69 -1.45
C3 GOL J . -24.56 -16.12 -1.80
O3 GOL J . -24.01 -17.42 -1.56
H11 GOL J . -23.06 -13.35 -3.33
H12 GOL J . -23.97 -14.41 -4.43
HO1 GOL J . -25.41 -12.85 -3.86
H2 GOL J . -23.01 -15.96 -3.23
HO2 GOL J . -22.36 -15.28 -0.91
H31 GOL J . -25.45 -16.21 -2.41
H32 GOL J . -24.81 -15.66 -0.85
HO3 GOL J . -24.43 -18.11 -2.03
C1 GOL K . -20.55 -18.82 -23.80
O1 GOL K . -20.14 -19.17 -22.50
C2 GOL K . -21.87 -18.03 -23.65
O2 GOL K . -22.70 -18.57 -22.63
C3 GOL K . -21.45 -16.54 -23.45
O3 GOL K . -22.51 -15.66 -23.81
H11 GOL K . -20.72 -19.71 -24.39
H12 GOL K . -19.80 -18.20 -24.27
HO1 GOL K . -20.85 -19.32 -21.91
H2 GOL K . -22.51 -18.10 -24.53
HO2 GOL K . -23.51 -18.11 -22.56
H31 GOL K . -20.60 -16.32 -24.08
H32 GOL K . -21.19 -16.37 -22.42
HO3 GOL K . -22.43 -14.79 -23.48
#